data_8UIT
#
_entry.id   8UIT
#
_cell.length_a   93.247
_cell.length_b   139.056
_cell.length_c   73.712
_cell.angle_alpha   90.000
_cell.angle_beta   90.000
_cell.angle_gamma   90.000
#
_symmetry.space_group_name_H-M   'P 21 21 2'
#
loop_
_entity.id
_entity.type
_entity.pdbx_description
1 polymer 'hSC44.ck Fab heavy chain'
2 polymer 'hSC44.ck Fab light chain'
3 polymer '3pHis peptide'
4 water water
#
loop_
_entity_poly.entity_id
_entity_poly.type
_entity_poly.pdbx_seq_one_letter_code
_entity_poly.pdbx_strand_id
1 'polypeptide(L)'
;EVQLVESGGGLVQPGGSLRLSCTASGFSIDSYGFSWVRQAPGKGLEHIGYLTAGGRAFYASWAKSRSTITRNTNENTVTL
KMNSLRAEDTAVYYCAKLGSGNPVAIWGQGTLVTVSSASTKGPSVFPLAPSSKSTSGGTAALGCLVKDYFPEPVTVSWNS
GALTSGVHTFPAVLQSSGLYSLSSVVTVPSSSLGTQTYICNVNHKPSNTKVDKKVEPKSCDKTHT
;
H,A
2 'polypeptide(L)'
;DIQMTQSPSSLSASVGDRVTITCRASQSVWRNKNVAWYQQKPGKAPKRLIYAIASLYSGVPSRFSGSGSGTDFTLTISSL
QPEDFATYYCVGHYGSENDAYYAFGQGTKVEIKRTVAAPSVFIFPPSDEQLKSGTASVVCLLNNFYPREAKVSWYVDNAL
QSGNSQESVTEQDSKDSTYSLSSTLTLSKADYEKHKVYACEVTQGTTSVTKSFNRGEC
;
L,B
3 'polypeptide(L)' AGAG(NEP)AGAG C,D
#
# COMPACT_ATOMS: atom_id res chain seq x y z
N VAL A 2 5.33 -3.95 7.14
CA VAL A 2 6.36 -3.06 7.68
C VAL A 2 5.96 -1.61 7.46
N GLN A 3 5.89 -0.84 8.54
CA GLN A 3 5.35 0.51 8.50
C GLN A 3 6.19 1.44 9.36
N LEU A 4 6.08 2.74 9.06
CA LEU A 4 6.80 3.79 9.77
C LEU A 4 5.83 4.96 9.92
N VAL A 5 5.26 5.12 11.12
CA VAL A 5 4.21 6.10 11.37
C VAL A 5 4.83 7.33 12.01
N GLU A 6 4.53 8.50 11.46
CA GLU A 6 5.15 9.76 11.84
C GLU A 6 4.19 10.60 12.67
N SER A 7 4.73 11.32 13.64
CA SER A 7 3.88 12.09 14.55
C SER A 7 4.62 13.35 15.01
N GLY A 8 3.84 14.35 15.40
CA GLY A 8 4.35 15.62 15.86
C GLY A 8 4.16 16.72 14.84
N GLY A 9 4.88 17.82 15.05
CA GLY A 9 4.89 18.89 14.07
C GLY A 9 3.62 19.71 14.10
N GLY A 10 3.21 20.17 12.93
CA GLY A 10 2.06 21.06 12.82
C GLY A 10 2.48 22.51 12.93
N LEU A 11 1.81 23.24 13.81
CA LEU A 11 2.02 24.67 13.95
C LEU A 11 3.04 24.94 15.05
N VAL A 12 4.12 25.64 14.70
CA VAL A 12 5.18 26.01 15.63
C VAL A 12 5.48 27.49 15.46
N GLN A 13 5.75 28.18 16.58
CA GLN A 13 6.03 29.60 16.51
C GLN A 13 7.50 29.84 16.20
N PRO A 14 7.82 30.96 15.55
CA PRO A 14 9.23 31.28 15.28
C PRO A 14 10.03 31.34 16.57
N GLY A 15 11.31 30.98 16.47
CA GLY A 15 12.16 30.86 17.63
C GLY A 15 11.87 29.66 18.50
N GLY A 16 10.79 28.93 18.24
CA GLY A 16 10.49 27.72 18.98
C GLY A 16 11.24 26.52 18.44
N SER A 17 10.79 25.34 18.85
CA SER A 17 11.40 24.09 18.44
C SER A 17 10.36 23.15 17.85
N LEU A 18 10.83 22.28 16.94
CA LEU A 18 10.04 21.17 16.45
C LEU A 18 10.58 19.88 17.04
N ARG A 19 9.66 18.96 17.33
CA ARG A 19 10.03 17.61 17.74
C ARG A 19 9.16 16.63 16.95
N LEU A 20 9.80 15.75 16.20
CA LEU A 20 9.12 14.80 15.35
C LEU A 20 9.61 13.39 15.65
N SER A 21 8.67 12.45 15.69
CA SER A 21 8.98 11.06 15.98
C SER A 21 8.38 10.16 14.90
N CYS A 22 9.02 9.01 14.71
CA CYS A 22 8.53 7.98 13.81
C CYS A 22 8.62 6.65 14.51
N THR A 23 7.47 6.00 14.69
CA THR A 23 7.38 4.73 15.41
C THR A 23 7.36 3.59 14.40
N ALA A 24 8.36 2.71 14.50
CA ALA A 24 8.41 1.57 13.61
C ALA A 24 7.42 0.50 14.08
N SER A 25 6.77 -0.16 13.13
CA SER A 25 5.92 -1.30 13.38
C SER A 25 6.26 -2.39 12.38
N GLY A 26 6.46 -3.60 12.87
CA GLY A 26 6.90 -4.70 12.02
C GLY A 26 8.40 -4.89 11.93
N PHE A 27 9.16 -4.13 12.71
CA PHE A 27 10.62 -4.23 12.75
C PHE A 27 11.11 -3.34 13.88
N SER A 28 12.42 -3.40 14.15
CA SER A 28 13.03 -2.63 15.21
C SER A 28 13.85 -1.48 14.62
N ILE A 29 13.71 -0.31 15.23
CA ILE A 29 14.41 0.89 14.76
C ILE A 29 15.91 0.68 14.74
N ASP A 30 16.44 -0.12 15.67
CA ASP A 30 17.88 -0.32 15.80
C ASP A 30 18.50 -1.07 14.62
N SER A 31 17.69 -1.57 13.67
CA SER A 31 18.18 -2.44 12.62
C SER A 31 18.52 -1.71 11.32
N TYR A 32 18.10 -0.47 11.15
CA TYR A 32 18.37 0.28 9.94
C TYR A 32 18.85 1.68 10.29
N GLY A 33 19.57 2.29 9.35
CA GLY A 33 19.89 3.70 9.43
C GLY A 33 18.75 4.54 8.87
N PHE A 34 18.48 5.66 9.53
CA PHE A 34 17.34 6.50 9.19
C PHE A 34 17.78 7.93 8.96
N SER A 35 17.32 8.51 7.85
CA SER A 35 17.51 9.92 7.56
C SER A 35 16.27 10.72 7.91
N TRP A 36 16.45 12.03 8.08
CA TRP A 36 15.36 12.98 8.11
C TRP A 36 15.53 13.91 6.91
N VAL A 37 14.45 14.10 6.16
CA VAL A 37 14.46 14.93 4.97
C VAL A 37 13.28 15.87 5.04
N ARG A 38 13.41 17.03 4.39
CA ARG A 38 12.35 18.02 4.38
C ARG A 38 12.18 18.58 2.98
N GLN A 39 11.00 19.15 2.74
CA GLN A 39 10.65 19.69 1.43
C GLN A 39 9.74 20.89 1.65
N ALA A 40 10.28 22.09 1.42
CA ALA A 40 9.48 23.30 1.50
C ALA A 40 8.42 23.29 0.40
N PRO A 41 7.27 23.97 0.63
CA PRO A 41 6.20 23.95 -0.37
C PRO A 41 6.66 24.39 -1.75
N GLY A 42 6.54 23.49 -2.73
CA GLY A 42 6.91 23.79 -4.09
C GLY A 42 8.39 23.77 -4.38
N LYS A 43 9.22 23.26 -3.46
CA LYS A 43 10.66 23.18 -3.64
C LYS A 43 11.08 21.71 -3.73
N GLY A 44 12.39 21.47 -3.70
CA GLY A 44 12.92 20.13 -3.79
C GLY A 44 13.16 19.49 -2.44
N LEU A 45 13.70 18.28 -2.48
CA LEU A 45 13.99 17.54 -1.25
C LEU A 45 15.36 17.95 -0.70
N GLU A 46 15.44 18.02 0.62
CA GLU A 46 16.65 18.47 1.30
C GLU A 46 16.96 17.51 2.43
N HIS A 47 18.20 17.02 2.48
CA HIS A 47 18.61 16.07 3.50
C HIS A 47 19.03 16.82 4.76
N ILE A 48 18.56 16.34 5.92
CA ILE A 48 18.86 17.00 7.19
C ILE A 48 19.99 16.27 7.90
N GLY A 49 19.75 15.00 8.25
CA GLY A 49 20.75 14.24 8.97
C GLY A 49 20.47 12.75 8.86
N TYR A 50 21.48 11.97 9.22
CA TYR A 50 21.43 10.52 9.09
C TYR A 50 21.91 9.88 10.39
N LEU A 51 21.09 8.96 10.92
CA LEU A 51 21.44 8.19 12.10
C LEU A 51 21.70 6.75 11.65
N THR A 52 22.97 6.35 11.66
CA THR A 52 23.34 5.03 11.20
C THR A 52 22.67 3.94 12.05
N ALA A 53 22.71 2.70 11.54
CA ALA A 53 22.18 1.58 12.31
C ALA A 53 22.93 1.41 13.62
N GLY A 54 24.21 1.76 13.65
CA GLY A 54 25.02 1.70 14.85
C GLY A 54 24.81 2.82 15.83
N GLY A 55 23.98 3.81 15.49
CA GLY A 55 23.62 4.87 16.42
C GLY A 55 24.42 6.15 16.31
N ARG A 56 25.19 6.34 15.24
CA ARG A 56 25.95 7.57 15.07
C ARG A 56 25.16 8.57 14.23
N ALA A 57 25.19 9.84 14.64
CA ALA A 57 24.44 10.90 13.99
C ALA A 57 25.38 11.80 13.21
N PHE A 58 25.08 11.99 11.93
CA PHE A 58 25.80 12.91 11.06
C PHE A 58 24.79 13.85 10.41
N TYR A 59 25.12 15.14 10.40
CA TYR A 59 24.20 16.17 9.94
C TYR A 59 24.78 16.88 8.73
N ALA A 60 23.90 17.36 7.85
CA ALA A 60 24.31 18.29 6.82
C ALA A 60 24.76 19.60 7.45
N SER A 61 25.64 20.32 6.75
CA SER A 61 26.27 21.51 7.32
C SER A 61 25.24 22.54 7.75
N TRP A 62 24.27 22.84 6.88
CA TRP A 62 23.28 23.86 7.18
C TRP A 62 22.45 23.53 8.40
N ALA A 63 22.35 22.25 8.77
CA ALA A 63 21.49 21.83 9.87
C ALA A 63 22.25 21.48 11.15
N LYS A 64 23.58 21.46 11.09
CA LYS A 64 24.36 20.92 12.21
C LYS A 64 24.14 21.72 13.49
N SER A 65 24.07 23.05 13.39
CA SER A 65 24.04 23.90 14.57
C SER A 65 22.68 23.92 15.27
N ARG A 66 21.63 23.39 14.64
CA ARG A 66 20.30 23.44 15.22
C ARG A 66 19.58 22.10 15.33
N SER A 67 20.12 21.03 14.76
CA SER A 67 19.41 19.77 14.65
C SER A 67 20.01 18.71 15.55
N THR A 68 19.15 17.86 16.09
CA THR A 68 19.56 16.70 16.89
C THR A 68 18.66 15.53 16.54
N ILE A 69 19.26 14.42 16.15
CA ILE A 69 18.55 13.21 15.75
C ILE A 69 18.93 12.10 16.72
N THR A 70 17.94 11.52 17.37
CA THR A 70 18.13 10.45 18.36
C THR A 70 17.17 9.30 18.04
N ARG A 71 17.30 8.22 18.80
CA ARG A 71 16.38 7.09 18.66
C ARG A 71 16.22 6.42 20.02
N ASN A 72 15.02 5.92 20.28
CA ASN A 72 14.71 5.22 21.53
C ASN A 72 14.41 3.77 21.16
N THR A 73 15.38 2.89 21.42
CA THR A 73 15.20 1.48 21.10
C THR A 73 14.07 0.87 21.92
N ASN A 74 13.81 1.40 23.11
CA ASN A 74 12.76 0.85 23.95
C ASN A 74 11.37 1.17 23.40
N GLU A 75 11.15 2.42 22.99
CA GLU A 75 9.88 2.80 22.39
C GLU A 75 9.80 2.48 20.90
N ASN A 76 10.90 2.02 20.30
CA ASN A 76 10.96 1.67 18.89
C ASN A 76 10.70 2.89 18.00
N THR A 77 11.36 4.00 18.31
CA THR A 77 11.12 5.26 17.61
C THR A 77 12.44 5.95 17.28
N VAL A 78 12.40 6.79 16.25
CA VAL A 78 13.48 7.72 15.91
C VAL A 78 12.88 9.12 15.97
N THR A 79 13.71 10.11 16.31
CA THR A 79 13.22 11.43 16.63
C THR A 79 14.16 12.51 16.12
N LEU A 80 13.58 13.57 15.57
CA LEU A 80 14.30 14.76 15.15
C LEU A 80 13.90 15.95 16.01
N LYS A 81 14.89 16.74 16.42
CA LYS A 81 14.65 17.98 17.18
C LYS A 81 15.42 19.11 16.52
N MET A 82 14.72 20.20 16.22
CA MET A 82 15.33 21.38 15.61
C MET A 82 14.81 22.63 16.31
N ASN A 83 15.73 23.50 16.73
CA ASN A 83 15.39 24.69 17.51
C ASN A 83 15.71 25.95 16.72
N SER A 84 15.30 27.08 17.30
CA SER A 84 15.49 28.40 16.68
C SER A 84 14.86 28.46 15.29
N LEU A 85 13.59 28.05 15.22
CA LEU A 85 12.92 27.91 13.95
C LEU A 85 12.55 29.26 13.36
N ARG A 86 12.68 29.37 12.03
CA ARG A 86 12.26 30.54 11.29
C ARG A 86 11.26 30.12 10.21
N ALA A 87 10.61 31.11 9.61
CA ALA A 87 9.64 30.84 8.55
C ALA A 87 10.26 30.03 7.41
N GLU A 88 11.58 30.12 7.24
CA GLU A 88 12.26 29.38 6.20
C GLU A 88 12.27 27.87 6.47
N ASP A 89 11.94 27.46 7.68
CA ASP A 89 11.91 26.05 8.06
C ASP A 89 10.56 25.39 7.83
N THR A 90 9.56 26.16 7.39
CA THR A 90 8.26 25.58 7.08
C THR A 90 8.40 24.59 5.92
N ALA A 91 8.03 23.33 6.16
CA ALA A 91 8.23 22.29 5.17
C ALA A 91 7.52 21.02 5.61
N VAL A 92 7.40 20.09 4.68
CA VAL A 92 6.98 18.73 4.98
C VAL A 92 8.22 17.95 5.39
N TYR A 93 8.18 17.33 6.56
CA TYR A 93 9.30 16.60 7.09
C TYR A 93 9.03 15.10 7.01
N TYR A 94 10.05 14.34 6.61
CA TYR A 94 9.95 12.89 6.49
C TYR A 94 11.08 12.23 7.25
N CYS A 95 10.77 11.12 7.92
CA CYS A 95 11.76 10.14 8.32
C CYS A 95 11.80 9.05 7.26
N ALA A 96 13.00 8.56 6.95
CA ALA A 96 13.10 7.61 5.84
C ALA A 96 14.43 6.89 5.86
N LYS A 97 14.38 5.56 5.75
CA LYS A 97 15.51 4.79 5.27
C LYS A 97 15.54 4.92 3.76
N LEU A 98 16.53 5.64 3.23
CA LEU A 98 16.46 6.11 1.85
C LEU A 98 16.71 5.02 0.81
N GLY A 99 17.33 3.91 1.19
CA GLY A 99 17.58 2.84 0.25
C GLY A 99 18.40 3.25 -0.95
N SER A 100 19.50 3.98 -0.72
CA SER A 100 20.30 4.47 -1.83
C SER A 100 21.04 3.33 -2.55
N GLY A 101 21.41 2.29 -1.82
CA GLY A 101 22.12 1.18 -2.43
C GLY A 101 21.71 -0.18 -1.91
N ASN A 102 20.52 -0.27 -1.30
CA ASN A 102 20.04 -1.51 -0.70
C ASN A 102 18.56 -1.65 -1.00
N PRO A 103 18.06 -2.89 -1.07
CA PRO A 103 16.67 -3.09 -1.50
C PRO A 103 15.61 -2.58 -0.53
N VAL A 104 15.98 -2.25 0.70
CA VAL A 104 15.01 -1.86 1.72
C VAL A 104 14.89 -0.34 1.73
N ALA A 105 13.66 0.16 1.68
CA ALA A 105 13.39 1.59 1.76
C ALA A 105 12.02 1.80 2.40
N ILE A 106 11.97 2.62 3.44
CA ILE A 106 10.73 2.89 4.17
C ILE A 106 10.66 4.39 4.43
N TRP A 107 9.47 4.95 4.23
CA TRP A 107 9.21 6.37 4.47
C TRP A 107 8.00 6.53 5.36
N GLY A 108 8.08 7.49 6.28
CA GLY A 108 6.89 7.94 6.98
C GLY A 108 5.97 8.69 6.02
N GLN A 109 4.73 8.91 6.47
CA GLN A 109 3.78 9.59 5.60
C GLN A 109 4.09 11.07 5.42
N GLY A 110 5.00 11.62 6.22
CA GLY A 110 5.28 13.05 6.14
C GLY A 110 4.32 13.86 6.98
N THR A 111 4.82 14.98 7.49
CA THR A 111 4.01 15.87 8.30
C THR A 111 4.46 17.31 8.06
N LEU A 112 3.51 18.18 7.74
CA LEU A 112 3.80 19.57 7.47
C LEU A 112 4.05 20.31 8.78
N VAL A 113 5.21 20.97 8.87
CA VAL A 113 5.54 21.83 9.99
C VAL A 113 5.47 23.27 9.50
N THR A 114 4.53 24.04 10.05
CA THR A 114 4.35 25.43 9.68
C THR A 114 4.94 26.31 10.79
N VAL A 115 5.96 27.09 10.45
CA VAL A 115 6.58 28.01 11.39
C VAL A 115 5.88 29.36 11.22
N SER A 116 5.05 29.73 12.21
CA SER A 116 4.26 30.95 12.15
C SER A 116 3.73 31.26 13.54
N SER A 117 3.48 32.55 13.78
CA SER A 117 2.95 33.02 15.05
C SER A 117 1.43 33.17 15.03
N ALA A 118 0.80 33.02 13.87
CA ALA A 118 -0.66 33.09 13.79
C ALA A 118 -1.29 31.91 14.51
N SER A 119 -2.56 32.06 14.86
CA SER A 119 -3.32 31.04 15.57
C SER A 119 -4.11 30.19 14.60
N THR A 120 -4.52 29.01 15.07
CA THR A 120 -5.24 28.06 14.25
C THR A 120 -6.69 28.51 14.02
N LYS A 121 -7.18 28.28 12.81
CA LYS A 121 -8.53 28.69 12.47
C LYS A 121 -9.15 27.66 11.52
N GLY A 122 -10.34 27.18 11.87
CA GLY A 122 -11.04 26.22 11.06
C GLY A 122 -11.69 26.84 9.84
N PRO A 123 -12.07 26.02 8.87
CA PRO A 123 -12.57 26.53 7.60
C PRO A 123 -14.08 26.72 7.56
N SER A 124 -14.49 27.70 6.75
CA SER A 124 -15.87 27.83 6.31
C SER A 124 -16.02 27.10 4.99
N VAL A 125 -17.01 26.22 4.91
CA VAL A 125 -17.30 25.46 3.70
C VAL A 125 -18.62 25.93 3.15
N PHE A 126 -18.62 26.32 1.88
CA PHE A 126 -19.82 26.76 1.17
C PHE A 126 -19.99 25.94 -0.10
N PRO A 127 -21.23 25.71 -0.51
CA PRO A 127 -21.47 24.88 -1.70
C PRO A 127 -21.23 25.65 -2.99
N LEU A 128 -20.68 24.95 -3.98
CA LEU A 128 -20.65 25.43 -5.36
C LEU A 128 -21.70 24.61 -6.09
N ALA A 129 -22.93 25.11 -6.06
CA ALA A 129 -24.08 24.30 -6.44
C ALA A 129 -24.23 24.22 -7.95
N PRO A 130 -24.56 23.05 -8.48
CA PRO A 130 -24.88 22.94 -9.90
C PRO A 130 -26.28 23.46 -10.18
N SER A 131 -26.44 24.04 -11.36
CA SER A 131 -27.78 24.43 -11.81
C SER A 131 -28.61 23.18 -12.07
N SER A 132 -29.90 23.25 -11.76
CA SER A 132 -30.76 22.08 -11.90
C SER A 132 -30.85 21.63 -13.36
N LYS A 133 -30.69 22.56 -14.29
CA LYS A 133 -30.66 22.24 -15.72
C LYS A 133 -29.26 22.57 -16.26
N SER A 134 -28.63 21.57 -16.87
CA SER A 134 -27.26 21.73 -17.34
C SER A 134 -27.18 22.76 -18.45
N THR A 135 -26.06 23.50 -18.46
CA THR A 135 -25.76 24.45 -19.52
C THR A 135 -24.51 24.05 -20.30
N SER A 136 -23.97 22.86 -20.05
CA SER A 136 -22.70 22.43 -20.63
C SER A 136 -22.85 21.08 -21.32
N GLY A 137 -24.01 20.83 -21.92
CA GLY A 137 -24.21 19.64 -22.73
C GLY A 137 -24.06 18.33 -21.98
N GLY A 138 -24.88 18.12 -20.96
CA GLY A 138 -24.94 16.86 -20.25
C GLY A 138 -24.00 16.72 -19.06
N THR A 139 -22.96 17.56 -18.98
CA THR A 139 -22.01 17.52 -17.88
C THR A 139 -22.28 18.69 -16.94
N ALA A 140 -22.38 18.40 -15.64
CA ALA A 140 -22.65 19.39 -14.62
C ALA A 140 -21.48 19.49 -13.65
N ALA A 141 -21.12 20.72 -13.30
CA ALA A 141 -20.04 20.97 -12.36
C ALA A 141 -20.61 21.35 -11.00
N LEU A 142 -20.02 20.80 -9.94
CA LEU A 142 -20.36 21.16 -8.58
C LEU A 142 -19.08 21.10 -7.75
N GLY A 143 -19.18 21.59 -6.52
CA GLY A 143 -18.02 21.55 -5.65
C GLY A 143 -18.27 22.23 -4.32
N CYS A 144 -17.18 22.46 -3.60
CA CYS A 144 -17.22 23.09 -2.28
CA CYS A 144 -17.22 23.11 -2.30
C CYS A 144 -16.10 24.12 -2.18
N LEU A 145 -16.42 25.30 -1.68
CA LEU A 145 -15.43 26.34 -1.42
C LEU A 145 -15.02 26.26 0.04
N VAL A 146 -13.73 26.05 0.28
CA VAL A 146 -13.18 25.90 1.63
C VAL A 146 -12.36 27.15 1.91
N LYS A 147 -12.87 28.02 2.77
CA LYS A 147 -12.39 29.38 2.88
C LYS A 147 -11.97 29.73 4.31
N ASP A 148 -10.91 30.54 4.42
CA ASP A 148 -10.50 31.17 5.67
C ASP A 148 -10.06 30.19 6.74
N TYR A 149 -9.05 29.38 6.46
CA TYR A 149 -8.52 28.45 7.44
C TYR A 149 -7.00 28.64 7.57
N PHE A 150 -6.47 28.15 8.69
CA PHE A 150 -5.04 28.20 8.99
C PHE A 150 -4.76 27.23 10.11
N PRO A 151 -3.63 26.50 10.07
CA PRO A 151 -2.69 26.49 8.95
C PRO A 151 -3.12 25.50 7.87
N GLU A 152 -2.21 25.16 6.97
CA GLU A 152 -2.42 24.04 6.09
C GLU A 152 -2.18 22.74 6.86
N PRO A 153 -2.68 21.59 6.37
CA PRO A 153 -3.51 21.39 5.17
C PRO A 153 -4.96 21.11 5.49
N VAL A 154 -5.81 21.21 4.47
CA VAL A 154 -7.12 20.57 4.48
C VAL A 154 -7.07 19.45 3.45
N THR A 155 -7.72 18.34 3.77
CA THR A 155 -7.96 17.29 2.79
C THR A 155 -9.43 17.31 2.44
N VAL A 156 -9.74 17.05 1.18
CA VAL A 156 -11.11 16.99 0.69
C VAL A 156 -11.31 15.67 -0.03
N SER A 157 -12.40 14.99 0.26
CA SER A 157 -12.84 13.84 -0.49
C SER A 157 -14.29 14.04 -0.86
N TRP A 158 -14.81 13.14 -1.69
CA TRP A 158 -16.20 13.21 -2.14
C TRP A 158 -16.86 11.86 -1.88
N ASN A 159 -18.03 11.90 -1.23
CA ASN A 159 -18.77 10.71 -0.84
C ASN A 159 -17.87 9.71 -0.11
N SER A 160 -17.07 10.23 0.82
CA SER A 160 -16.18 9.43 1.65
C SER A 160 -15.14 8.66 0.83
N GLY A 161 -14.70 9.23 -0.29
CA GLY A 161 -13.73 8.59 -1.13
C GLY A 161 -14.30 7.70 -2.21
N ALA A 162 -15.63 7.53 -2.27
CA ALA A 162 -16.22 6.69 -3.30
C ALA A 162 -16.32 7.41 -4.65
N LEU A 163 -16.17 8.73 -4.66
CA LEU A 163 -16.22 9.53 -5.88
C LEU A 163 -14.84 10.17 -6.08
N THR A 164 -14.10 9.68 -7.07
CA THR A 164 -12.78 10.21 -7.39
C THR A 164 -12.61 10.59 -8.85
N SER A 165 -13.49 10.15 -9.73
CA SER A 165 -13.37 10.41 -11.16
C SER A 165 -13.82 11.84 -11.45
N GLY A 166 -12.94 12.63 -12.07
CA GLY A 166 -13.26 14.00 -12.41
C GLY A 166 -13.18 14.98 -11.27
N VAL A 167 -12.56 14.61 -10.16
CA VAL A 167 -12.41 15.50 -9.01
C VAL A 167 -11.16 16.35 -9.20
N HIS A 168 -11.30 17.65 -8.98
CA HIS A 168 -10.16 18.57 -9.01
C HIS A 168 -10.17 19.35 -7.70
N THR A 169 -9.19 19.06 -6.83
CA THR A 169 -8.98 19.79 -5.58
C THR A 169 -7.78 20.71 -5.80
N PHE A 170 -8.05 22.00 -5.88
CA PHE A 170 -7.03 22.97 -6.25
C PHE A 170 -6.07 23.23 -5.09
N PRO A 171 -4.84 23.61 -5.39
CA PRO A 171 -3.92 24.01 -4.33
C PRO A 171 -4.43 25.26 -3.62
N ALA A 172 -4.18 25.32 -2.31
CA ALA A 172 -4.60 26.47 -1.54
C ALA A 172 -3.85 27.72 -2.00
N VAL A 173 -4.53 28.85 -1.93
CA VAL A 173 -3.94 30.16 -2.18
C VAL A 173 -3.96 30.94 -0.87
N LEU A 174 -2.90 31.69 -0.61
CA LEU A 174 -2.84 32.55 0.56
C LEU A 174 -3.54 33.85 0.26
N GLN A 175 -4.59 34.16 1.02
CA GLN A 175 -5.33 35.38 0.83
C GLN A 175 -4.61 36.55 1.51
N SER A 176 -5.04 37.77 1.16
CA SER A 176 -4.46 38.97 1.75
C SER A 176 -4.66 39.02 3.27
N SER A 177 -5.60 38.24 3.80
CA SER A 177 -5.82 38.20 5.24
C SER A 177 -4.84 37.30 5.98
N GLY A 178 -3.97 36.58 5.25
CA GLY A 178 -3.11 35.59 5.87
C GLY A 178 -3.76 34.24 6.07
N LEU A 179 -5.01 34.09 5.68
CA LEU A 179 -5.73 32.82 5.77
C LEU A 179 -5.76 32.15 4.41
N TYR A 180 -5.91 30.83 4.42
CA TYR A 180 -5.90 30.06 3.18
C TYR A 180 -7.32 29.80 2.69
N SER A 181 -7.40 29.46 1.41
CA SER A 181 -8.67 29.15 0.78
C SER A 181 -8.41 28.24 -0.41
N LEU A 182 -9.29 27.27 -0.62
CA LEU A 182 -9.21 26.45 -1.82
C LEU A 182 -10.63 26.03 -2.21
N SER A 183 -10.73 25.47 -3.41
CA SER A 183 -11.96 24.88 -3.90
C SER A 183 -11.70 23.46 -4.36
N SER A 184 -12.71 22.61 -4.20
CA SER A 184 -12.69 21.26 -4.74
C SER A 184 -13.93 21.09 -5.59
N VAL A 185 -13.74 20.64 -6.84
CA VAL A 185 -14.83 20.58 -7.81
C VAL A 185 -14.84 19.20 -8.45
N VAL A 186 -16.00 18.82 -8.97
CA VAL A 186 -16.19 17.55 -9.65
C VAL A 186 -17.20 17.75 -10.78
N THR A 187 -16.93 17.12 -11.92
CA THR A 187 -17.86 17.08 -13.04
C THR A 187 -18.57 15.73 -13.08
N VAL A 188 -19.89 15.77 -13.13
CA VAL A 188 -20.72 14.55 -13.09
C VAL A 188 -21.72 14.61 -14.23
N PRO A 189 -22.36 13.50 -14.60
CA PRO A 189 -23.49 13.58 -15.53
C PRO A 189 -24.65 14.30 -14.90
N SER A 190 -25.24 15.23 -15.67
CA SER A 190 -26.32 16.05 -15.14
C SER A 190 -27.60 15.26 -14.89
N SER A 191 -27.78 14.13 -15.56
CA SER A 191 -28.93 13.27 -15.27
C SER A 191 -28.85 12.68 -13.87
N SER A 192 -27.66 12.65 -13.27
CA SER A 192 -27.47 12.11 -11.93
C SER A 192 -27.81 13.12 -10.83
N LEU A 193 -28.14 14.37 -11.18
CA LEU A 193 -28.34 15.40 -10.16
C LEU A 193 -29.52 15.08 -9.25
N GLY A 194 -30.57 14.48 -9.80
CA GLY A 194 -31.73 14.14 -8.98
C GLY A 194 -31.60 12.82 -8.23
N THR A 195 -30.72 11.94 -8.71
CA THR A 195 -30.54 10.60 -8.12
C THR A 195 -29.42 10.57 -7.10
N GLN A 196 -28.21 10.96 -7.49
CA GLN A 196 -27.03 10.75 -6.68
C GLN A 196 -26.82 11.88 -5.67
N THR A 197 -26.50 11.50 -4.44
CA THR A 197 -26.13 12.45 -3.39
C THR A 197 -24.65 12.78 -3.50
N TYR A 198 -24.31 14.05 -3.45
CA TYR A 198 -22.93 14.50 -3.53
C TYR A 198 -22.57 15.24 -2.25
N ILE A 199 -21.58 14.72 -1.53
CA ILE A 199 -21.16 15.27 -0.24
C ILE A 199 -19.65 15.44 -0.27
N CYS A 200 -19.18 16.66 -0.04
CA CYS A 200 -17.76 16.90 0.14
C CYS A 200 -17.39 16.70 1.61
N ASN A 201 -16.28 16.02 1.83
CA ASN A 201 -15.79 15.75 3.17
C ASN A 201 -14.50 16.54 3.35
N VAL A 202 -14.56 17.59 4.17
CA VAL A 202 -13.44 18.49 4.41
C VAL A 202 -12.88 18.20 5.79
N ASN A 203 -11.59 17.85 5.84
CA ASN A 203 -10.92 17.52 7.10
C ASN A 203 -9.80 18.52 7.34
N HIS A 204 -9.90 19.27 8.43
CA HIS A 204 -8.87 20.19 8.86
C HIS A 204 -8.34 19.69 10.20
N LYS A 205 -7.36 18.80 10.14
CA LYS A 205 -6.78 18.23 11.35
C LYS A 205 -6.16 19.27 12.30
N PRO A 206 -5.47 20.33 11.82
CA PRO A 206 -4.89 21.28 12.78
C PRO A 206 -5.89 21.90 13.74
N SER A 207 -7.16 22.06 13.33
CA SER A 207 -8.19 22.57 14.23
C SER A 207 -9.13 21.47 14.71
N ASN A 208 -8.82 20.21 14.42
CA ASN A 208 -9.65 19.07 14.80
C ASN A 208 -11.10 19.29 14.39
N THR A 209 -11.28 19.78 13.16
CA THR A 209 -12.59 20.07 12.60
C THR A 209 -12.78 19.28 11.32
N LYS A 210 -13.93 18.65 11.17
CA LYS A 210 -14.33 17.99 9.93
C LYS A 210 -15.71 18.50 9.54
N VAL A 211 -15.91 18.72 8.25
CA VAL A 211 -17.18 19.22 7.72
C VAL A 211 -17.63 18.32 6.58
N ASP A 212 -18.89 17.90 6.63
CA ASP A 212 -19.52 17.13 5.56
C ASP A 212 -20.71 17.92 5.04
N LYS A 213 -20.65 18.32 3.77
CA LYS A 213 -21.66 19.20 3.19
C LYS A 213 -22.27 18.54 1.97
N LYS A 214 -23.59 18.39 1.99
CA LYS A 214 -24.35 17.89 0.85
C LYS A 214 -24.60 19.03 -0.12
N VAL A 215 -24.08 18.90 -1.35
CA VAL A 215 -24.20 19.93 -2.36
C VAL A 215 -25.40 19.59 -3.24
N GLU A 216 -26.47 20.38 -3.11
CA GLU A 216 -27.74 20.13 -3.78
C GLU A 216 -27.95 21.10 -4.95
N PRO A 217 -28.73 20.70 -5.95
CA PRO A 217 -28.93 21.55 -7.12
C PRO A 217 -29.60 22.88 -6.77
N LYS A 218 -29.46 23.83 -7.70
CA LYS A 218 -29.89 25.22 -7.54
C LYS A 218 -29.06 25.95 -6.49
N ASP B 1 28.56 20.97 1.22
CA ASP B 1 29.78 20.19 1.02
C ASP B 1 29.68 19.29 -0.20
N ILE B 2 28.71 18.38 -0.19
CA ILE B 2 28.51 17.43 -1.27
C ILE B 2 27.31 17.89 -2.11
N GLN B 3 27.45 17.82 -3.43
CA GLN B 3 26.46 18.35 -4.34
C GLN B 3 26.16 17.33 -5.44
N MET B 4 24.89 17.30 -5.86
CA MET B 4 24.46 16.56 -7.04
C MET B 4 23.65 17.49 -7.93
N THR B 5 24.01 17.56 -9.21
CA THR B 5 23.39 18.48 -10.15
C THR B 5 22.66 17.68 -11.22
N GLN B 6 21.34 17.83 -11.26
CA GLN B 6 20.53 17.18 -12.29
C GLN B 6 20.38 18.11 -13.49
N SER B 7 20.10 17.50 -14.65
CA SER B 7 19.87 18.24 -15.88
C SER B 7 19.01 17.38 -16.80
N PRO B 8 18.00 17.97 -17.45
CA PRO B 8 17.63 19.39 -17.30
C PRO B 8 16.83 19.63 -16.03
N SER B 9 16.59 20.91 -15.69
CA SER B 9 15.74 21.22 -14.55
C SER B 9 14.27 20.95 -14.86
N SER B 10 13.90 20.95 -16.15
CA SER B 10 12.56 20.59 -16.58
C SER B 10 12.64 20.19 -18.04
N LEU B 11 11.65 19.42 -18.48
CA LEU B 11 11.58 19.00 -19.88
C LEU B 11 10.15 18.71 -20.25
N SER B 12 9.87 18.77 -21.56
CA SER B 12 8.56 18.45 -22.10
C SER B 12 8.73 17.37 -23.15
N ALA B 13 7.94 16.29 -23.03
CA ALA B 13 8.03 15.18 -23.95
C ALA B 13 6.64 14.62 -24.23
N SER B 14 6.53 13.90 -25.34
CA SER B 14 5.28 13.30 -25.76
C SER B 14 5.18 11.85 -25.29
N VAL B 15 3.96 11.35 -25.21
CA VAL B 15 3.72 9.96 -24.84
C VAL B 15 4.46 9.05 -25.81
N GLY B 16 5.20 8.08 -25.27
CA GLY B 16 5.98 7.16 -26.07
C GLY B 16 7.42 7.56 -26.30
N ASP B 17 7.79 8.80 -25.99
CA ASP B 17 9.17 9.25 -26.17
C ASP B 17 10.08 8.58 -25.14
N ARG B 18 11.38 8.64 -25.42
CA ARG B 18 12.40 8.20 -24.47
C ARG B 18 12.95 9.42 -23.75
N VAL B 19 12.92 9.38 -22.43
CA VAL B 19 13.34 10.50 -21.59
C VAL B 19 14.60 10.11 -20.84
N THR B 20 15.59 10.99 -20.86
CA THR B 20 16.86 10.79 -20.16
C THR B 20 17.09 11.93 -19.19
N ILE B 21 17.36 11.58 -17.93
CA ILE B 21 17.68 12.56 -16.89
C ILE B 21 19.04 12.19 -16.31
N THR B 22 19.94 13.16 -16.28
CA THR B 22 21.30 12.94 -15.79
C THR B 22 21.48 13.59 -14.42
N CYS B 23 22.44 13.04 -13.67
CA CYS B 23 22.71 13.49 -12.31
C CYS B 23 24.21 13.37 -12.08
N ARG B 24 24.83 14.49 -11.71
CA ARG B 24 26.28 14.62 -11.68
C ARG B 24 26.72 14.86 -10.25
N ALA B 25 27.57 13.98 -9.72
CA ALA B 25 27.99 14.03 -8.33
C ALA B 25 29.30 14.76 -8.19
N SER B 26 29.42 15.56 -7.13
CA SER B 26 30.65 16.32 -6.89
C SER B 26 31.79 15.45 -6.40
N GLN B 27 31.49 14.26 -5.88
CA GLN B 27 32.50 13.33 -5.40
C GLN B 27 32.03 11.91 -5.71
N SER B 28 32.87 10.93 -5.37
CA SER B 28 32.51 9.53 -5.53
C SER B 28 31.48 9.14 -4.48
N VAL B 29 30.48 8.37 -4.89
CA VAL B 29 29.47 7.90 -3.95
C VAL B 29 29.99 6.67 -3.21
N TRP B 30 29.27 6.31 -2.14
CA TRP B 30 29.70 5.19 -1.30
C TRP B 30 29.73 3.89 -2.12
N ARG B 31 30.91 3.29 -2.18
CA ARG B 31 31.15 2.05 -2.94
C ARG B 31 30.86 2.21 -4.42
N ASN B 32 30.82 3.46 -4.92
CA ASN B 32 30.45 3.75 -6.30
C ASN B 32 29.14 3.07 -6.69
N LYS B 33 28.20 2.99 -5.73
CA LYS B 33 26.96 2.25 -5.96
C LYS B 33 25.72 2.87 -5.30
N ASN B 34 25.84 3.63 -4.22
CA ASN B 34 24.68 4.09 -3.47
C ASN B 34 24.11 5.35 -4.15
N VAL B 35 23.38 5.12 -5.24
CA VAL B 35 22.64 6.17 -5.92
C VAL B 35 21.24 5.65 -6.20
N ALA B 36 20.22 6.42 -5.81
CA ALA B 36 18.83 6.05 -6.00
C ALA B 36 18.09 7.15 -6.73
N TRP B 37 17.03 6.76 -7.42
CA TRP B 37 16.17 7.69 -8.15
C TRP B 37 14.78 7.66 -7.53
N TYR B 38 14.23 8.84 -7.27
CA TYR B 38 12.91 8.98 -6.67
C TYR B 38 11.97 9.70 -7.64
N GLN B 39 10.68 9.46 -7.44
CA GLN B 39 9.62 10.05 -8.25
C GLN B 39 8.57 10.62 -7.30
N GLN B 40 8.19 11.89 -7.53
CA GLN B 40 7.19 12.54 -6.69
C GLN B 40 6.08 13.10 -7.58
N LYS B 41 4.89 12.56 -7.44
CA LYS B 41 3.69 13.01 -8.13
C LYS B 41 2.99 14.09 -7.30
N PRO B 42 2.10 14.88 -7.91
CA PRO B 42 1.48 15.99 -7.19
C PRO B 42 0.75 15.55 -5.93
N GLY B 43 1.06 16.20 -4.81
CA GLY B 43 0.42 15.93 -3.55
C GLY B 43 0.78 14.59 -2.92
N LYS B 44 1.80 13.91 -3.42
CA LYS B 44 2.19 12.61 -2.92
C LYS B 44 3.59 12.65 -2.33
N ALA B 45 3.93 11.61 -1.57
CA ALA B 45 5.27 11.44 -1.05
C ALA B 45 6.19 10.88 -2.11
N PRO B 46 7.50 11.10 -1.98
CA PRO B 46 8.43 10.53 -2.97
C PRO B 46 8.40 9.01 -2.95
N LYS B 47 8.45 8.41 -4.13
CA LYS B 47 8.50 6.97 -4.29
C LYS B 47 9.79 6.56 -4.97
N ARG B 48 10.48 5.58 -4.40
CA ARG B 48 11.74 5.11 -4.95
C ARG B 48 11.48 4.22 -6.16
N LEU B 49 12.17 4.52 -7.26
CA LEU B 49 12.09 3.72 -8.48
C LEU B 49 13.32 2.85 -8.67
N ILE B 50 14.50 3.45 -8.54
CA ILE B 50 15.78 2.77 -8.76
C ILE B 50 16.61 2.90 -7.50
N TYR B 51 17.36 1.85 -7.17
CA TYR B 51 18.39 1.89 -6.16
C TYR B 51 19.63 1.19 -6.70
N ALA B 52 20.77 1.42 -6.05
CA ALA B 52 22.05 0.85 -6.46
C ALA B 52 22.33 1.13 -7.94
N ILE B 53 22.10 2.37 -8.34
CA ILE B 53 22.37 2.90 -9.69
C ILE B 53 21.40 2.31 -10.71
N ALA B 54 21.23 0.99 -10.72
CA ALA B 54 20.49 0.36 -11.81
C ALA B 54 19.49 -0.71 -11.38
N SER B 55 19.27 -0.92 -10.09
CA SER B 55 18.33 -1.95 -9.66
C SER B 55 16.92 -1.40 -9.64
N LEU B 56 16.01 -2.09 -10.33
CA LEU B 56 14.62 -1.67 -10.43
C LEU B 56 13.83 -2.26 -9.27
N TYR B 57 13.15 -1.41 -8.51
CA TYR B 57 12.30 -1.89 -7.43
C TYR B 57 11.11 -2.65 -8.00
N SER B 58 10.69 -3.70 -7.28
CA SER B 58 9.71 -4.62 -7.82
C SER B 58 8.36 -3.95 -8.07
N GLY B 59 8.05 -2.88 -7.34
CA GLY B 59 6.79 -2.20 -7.55
C GLY B 59 6.76 -1.22 -8.70
N VAL B 60 7.86 -1.08 -9.44
CA VAL B 60 8.00 -0.03 -10.45
C VAL B 60 7.95 -0.66 -11.84
N PRO B 61 7.24 -0.06 -12.79
CA PRO B 61 7.21 -0.61 -14.15
C PRO B 61 8.61 -0.69 -14.76
N SER B 62 8.78 -1.65 -15.67
CA SER B 62 10.10 -1.96 -16.22
C SER B 62 10.56 -0.96 -17.27
N ARG B 63 9.70 -0.02 -17.69
CA ARG B 63 10.15 1.01 -18.62
C ARG B 63 11.09 2.01 -17.97
N PHE B 64 11.24 1.96 -16.64
CA PHE B 64 12.24 2.74 -15.93
C PHE B 64 13.53 1.94 -15.85
N SER B 65 14.65 2.63 -16.03
CA SER B 65 15.96 1.98 -15.94
C SER B 65 17.00 3.00 -15.48
N GLY B 66 17.99 2.50 -14.76
CA GLY B 66 19.09 3.33 -14.32
C GLY B 66 20.41 2.90 -14.92
N SER B 67 21.36 3.82 -15.00
CA SER B 67 22.69 3.54 -15.54
C SER B 67 23.65 4.61 -15.03
N GLY B 68 24.90 4.51 -15.44
CA GLY B 68 25.91 5.47 -15.07
C GLY B 68 27.12 4.82 -14.43
N SER B 69 28.14 5.65 -14.18
CA SER B 69 29.39 5.18 -13.63
C SER B 69 30.16 6.37 -13.06
N GLY B 70 31.02 6.09 -12.09
CA GLY B 70 31.83 7.11 -11.47
C GLY B 70 31.05 8.16 -10.72
N THR B 71 30.87 9.34 -11.34
CA THR B 71 30.12 10.43 -10.74
C THR B 71 29.02 10.95 -11.66
N ASP B 72 28.71 10.22 -12.73
CA ASP B 72 27.68 10.62 -13.69
C ASP B 72 26.67 9.49 -13.81
N PHE B 73 25.41 9.76 -13.45
CA PHE B 73 24.38 8.75 -13.41
C PHE B 73 23.21 9.18 -14.28
N THR B 74 22.40 8.20 -14.70
CA THR B 74 21.35 8.43 -15.68
C THR B 74 20.13 7.60 -15.33
N LEU B 75 18.96 8.26 -15.34
CA LEU B 75 17.66 7.60 -15.26
C LEU B 75 16.99 7.70 -16.62
N THR B 76 16.39 6.59 -17.06
CA THR B 76 15.81 6.52 -18.40
C THR B 76 14.40 5.98 -18.34
N ILE B 77 13.46 6.73 -18.91
CA ILE B 77 12.09 6.27 -19.12
C ILE B 77 11.98 5.89 -20.59
N SER B 78 11.86 4.59 -20.87
CA SER B 78 11.97 4.12 -22.24
C SER B 78 10.76 4.54 -23.08
N SER B 79 9.56 4.46 -22.52
CA SER B 79 8.33 4.83 -23.23
C SER B 79 7.48 5.67 -22.28
N LEU B 80 7.47 6.98 -22.50
CA LEU B 80 6.81 7.89 -21.56
C LEU B 80 5.30 7.71 -21.59
N GLN B 81 4.70 7.67 -20.41
CA GLN B 81 3.26 7.49 -20.22
C GLN B 81 2.68 8.70 -19.50
N PRO B 82 1.37 8.93 -19.60
CA PRO B 82 0.79 10.09 -18.90
C PRO B 82 0.97 10.06 -17.40
N GLU B 83 0.85 8.88 -16.77
CA GLU B 83 1.04 8.77 -15.33
C GLU B 83 2.48 9.00 -14.90
N ASP B 84 3.40 9.13 -15.85
CA ASP B 84 4.79 9.44 -15.52
C ASP B 84 5.03 10.91 -15.25
N PHE B 85 4.01 11.77 -15.40
CA PHE B 85 4.16 13.17 -15.00
C PHE B 85 4.54 13.24 -13.54
N ALA B 86 5.71 13.79 -13.25
CA ALA B 86 6.20 13.91 -11.88
C ALA B 86 7.48 14.72 -11.87
N THR B 87 8.00 14.99 -10.67
CA THR B 87 9.34 15.52 -10.52
C THR B 87 10.25 14.40 -10.05
N TYR B 88 11.41 14.26 -10.69
CA TYR B 88 12.32 13.16 -10.44
C TYR B 88 13.57 13.65 -9.75
N TYR B 89 13.99 12.93 -8.72
CA TYR B 89 15.16 13.29 -7.92
C TYR B 89 16.14 12.12 -7.89
N CYS B 90 17.41 12.42 -8.10
CA CYS B 90 18.47 11.50 -7.71
C CYS B 90 18.89 11.80 -6.28
N VAL B 91 19.33 10.76 -5.58
CA VAL B 91 19.88 10.91 -4.24
C VAL B 91 21.13 10.05 -4.14
N GLY B 92 22.19 10.62 -3.58
CA GLY B 92 23.45 9.92 -3.44
C GLY B 92 23.85 9.79 -1.99
N HIS B 93 24.58 8.72 -1.69
CA HIS B 93 25.12 8.48 -0.36
C HIS B 93 26.63 8.65 -0.38
N TYR B 94 27.16 9.32 0.63
CA TYR B 94 28.57 9.70 0.65
C TYR B 94 29.15 9.52 2.05
N GLY B 95 30.48 9.56 2.12
CA GLY B 95 31.19 9.59 3.38
C GLY B 95 32.29 8.56 3.42
N SER B 96 32.80 8.33 4.63
CA SER B 96 33.85 7.36 4.87
C SER B 96 33.36 6.41 5.96
N GLU B 97 34.29 5.73 6.63
CA GLU B 97 33.93 4.89 7.76
C GLU B 97 33.49 5.73 8.96
N ASN B 98 33.82 7.02 8.98
CA ASN B 98 33.45 7.91 10.08
C ASN B 98 32.70 9.13 9.55
N ASP B 99 32.01 8.99 8.43
CA ASP B 99 31.25 10.07 7.82
C ASP B 99 30.14 9.46 6.98
N ALA B 100 28.94 10.04 7.09
CA ALA B 100 27.77 9.56 6.36
C ALA B 100 26.91 10.75 5.97
N TYR B 101 26.68 10.93 4.67
CA TYR B 101 25.89 12.04 4.17
C TYR B 101 25.02 11.58 3.01
N TYR B 102 23.89 12.28 2.83
CA TYR B 102 23.05 12.15 1.65
C TYR B 102 22.91 13.51 0.99
N ALA B 103 22.71 13.50 -0.32
CA ALA B 103 22.49 14.74 -1.07
C ALA B 103 21.50 14.47 -2.19
N PHE B 104 20.51 15.36 -2.32
CA PHE B 104 19.52 15.27 -3.38
C PHE B 104 19.89 16.21 -4.53
N GLY B 105 19.57 15.78 -5.75
CA GLY B 105 19.54 16.72 -6.86
C GLY B 105 18.37 17.66 -6.73
N GLN B 106 18.44 18.78 -7.46
CA GLN B 106 17.40 19.78 -7.34
C GLN B 106 16.08 19.36 -7.97
N GLY B 107 16.07 18.28 -8.72
CA GLY B 107 14.83 17.77 -9.26
C GLY B 107 14.64 18.11 -10.72
N THR B 108 13.95 17.22 -11.44
CA THR B 108 13.63 17.41 -12.85
C THR B 108 12.13 17.21 -13.03
N LYS B 109 11.42 18.27 -13.37
CA LYS B 109 9.99 18.14 -13.66
C LYS B 109 9.82 17.66 -15.09
N VAL B 110 9.09 16.55 -15.25
CA VAL B 110 8.81 15.96 -16.55
C VAL B 110 7.38 16.32 -16.91
N GLU B 111 7.21 17.12 -17.96
CA GLU B 111 5.90 17.53 -18.44
C GLU B 111 5.53 16.71 -19.66
N ILE B 112 4.23 16.54 -19.86
CA ILE B 112 3.69 15.71 -20.94
C ILE B 112 3.19 16.61 -22.05
N LYS B 113 3.76 16.46 -23.24
CA LYS B 113 3.23 17.14 -24.42
C LYS B 113 1.96 16.44 -24.90
N ARG B 114 1.04 17.23 -25.44
CA ARG B 114 -0.30 16.75 -25.69
C ARG B 114 -0.98 17.72 -26.66
N THR B 115 -2.07 17.24 -27.27
CA THR B 115 -2.85 18.07 -28.17
C THR B 115 -3.60 19.16 -27.41
N VAL B 116 -3.91 20.25 -28.11
CA VAL B 116 -4.63 21.34 -27.48
C VAL B 116 -6.06 20.90 -27.21
N ALA B 117 -6.61 21.38 -26.10
CA ALA B 117 -7.96 21.03 -25.68
C ALA B 117 -8.61 22.25 -25.06
N ALA B 118 -9.79 22.60 -25.55
CA ALA B 118 -10.47 23.79 -25.07
C ALA B 118 -11.17 23.51 -23.74
N PRO B 119 -11.13 24.45 -22.80
CA PRO B 119 -11.72 24.19 -21.49
C PRO B 119 -13.24 24.27 -21.51
N SER B 120 -13.86 23.42 -20.70
CA SER B 120 -15.24 23.62 -20.30
C SER B 120 -15.25 24.67 -19.19
N VAL B 121 -16.05 25.72 -19.37
CA VAL B 121 -16.03 26.87 -18.48
C VAL B 121 -17.34 26.91 -17.70
N PHE B 122 -17.22 26.91 -16.37
CA PHE B 122 -18.36 27.01 -15.47
C PHE B 122 -18.18 28.22 -14.57
N ILE B 123 -19.29 28.89 -14.27
CA ILE B 123 -19.29 30.03 -13.37
C ILE B 123 -20.30 29.77 -12.25
N PHE B 124 -19.88 30.04 -11.02
CA PHE B 124 -20.70 29.78 -9.83
C PHE B 124 -21.02 31.09 -9.12
N PRO B 125 -22.29 31.42 -8.92
CA PRO B 125 -22.62 32.56 -8.05
C PRO B 125 -22.23 32.27 -6.61
N PRO B 126 -22.13 33.28 -5.77
CA PRO B 126 -21.93 33.02 -4.34
C PRO B 126 -23.14 32.32 -3.75
N SER B 127 -22.90 31.40 -2.82
CA SER B 127 -23.98 30.70 -2.17
C SER B 127 -24.73 31.62 -1.21
N ASP B 128 -26.03 31.36 -1.04
CA ASP B 128 -26.81 32.14 -0.09
C ASP B 128 -26.23 32.05 1.31
N GLU B 129 -25.59 30.93 1.64
CA GLU B 129 -24.99 30.76 2.96
C GLU B 129 -23.82 31.72 3.16
N GLN B 130 -23.00 31.92 2.13
CA GLN B 130 -21.87 32.85 2.28
C GLN B 130 -22.34 34.30 2.34
N LEU B 131 -23.43 34.63 1.63
CA LEU B 131 -23.91 36.00 1.63
C LEU B 131 -24.43 36.42 3.00
N LYS B 132 -24.83 35.44 3.83
CA LYS B 132 -25.29 35.78 5.17
C LYS B 132 -24.18 36.34 6.05
N SER B 133 -22.92 36.16 5.65
CA SER B 133 -21.78 36.65 6.41
C SER B 133 -21.05 37.78 5.70
N GLY B 134 -21.73 38.48 4.79
CA GLY B 134 -21.27 39.74 4.27
C GLY B 134 -20.15 39.69 3.25
N THR B 135 -19.82 38.51 2.72
CA THR B 135 -18.78 38.38 1.71
C THR B 135 -19.30 37.50 0.58
N ALA B 136 -18.90 37.83 -0.65
CA ALA B 136 -19.33 37.11 -1.83
C ALA B 136 -18.12 36.65 -2.63
N SER B 137 -18.03 35.34 -2.84
CA SER B 137 -17.00 34.74 -3.67
C SER B 137 -17.65 34.20 -4.94
N VAL B 138 -17.23 34.71 -6.10
CA VAL B 138 -17.67 34.20 -7.39
C VAL B 138 -16.53 33.37 -7.96
N VAL B 139 -16.85 32.15 -8.38
CA VAL B 139 -15.85 31.17 -8.80
C VAL B 139 -16.06 30.85 -10.26
N CYS B 140 -14.99 30.93 -11.05
CA CYS B 140 -14.97 30.55 -12.46
C CYS B 140 -14.05 29.35 -12.61
N LEU B 141 -14.57 28.27 -13.18
CA LEU B 141 -13.83 27.02 -13.32
C LEU B 141 -13.50 26.78 -14.79
N LEU B 142 -12.21 26.58 -15.07
CA LEU B 142 -11.73 26.14 -16.37
C LEU B 142 -11.32 24.69 -16.23
N ASN B 143 -12.05 23.79 -16.88
CA ASN B 143 -11.90 22.36 -16.65
C ASN B 143 -11.25 21.69 -17.86
N ASN B 144 -10.13 21.01 -17.60
CA ASN B 144 -9.51 20.08 -18.54
C ASN B 144 -9.15 20.76 -19.86
N PHE B 145 -8.10 21.58 -19.80
CA PHE B 145 -7.61 22.28 -20.97
C PHE B 145 -6.10 22.09 -21.11
N TYR B 146 -5.59 22.45 -22.28
CA TYR B 146 -4.17 22.42 -22.62
C TYR B 146 -3.98 23.35 -23.79
N PRO B 147 -2.89 24.14 -23.84
CA PRO B 147 -1.78 24.21 -22.89
C PRO B 147 -2.10 24.99 -21.60
N ARG B 148 -1.06 25.25 -20.83
CA ARG B 148 -1.26 25.86 -19.52
CA ARG B 148 -1.24 25.87 -19.50
C ARG B 148 -1.62 27.34 -19.63
N GLU B 149 -0.90 28.08 -20.48
CA GLU B 149 -1.11 29.52 -20.54
C GLU B 149 -2.54 29.87 -20.96
N ALA B 150 -3.18 30.73 -20.18
CA ALA B 150 -4.55 31.17 -20.41
C ALA B 150 -4.77 32.47 -19.66
N LYS B 151 -5.47 33.40 -20.31
CA LYS B 151 -5.77 34.70 -19.73
C LYS B 151 -7.23 34.71 -19.27
N VAL B 152 -7.45 34.97 -17.98
CA VAL B 152 -8.78 34.97 -17.39
C VAL B 152 -9.05 36.37 -16.84
N SER B 153 -10.16 36.96 -17.29
CA SER B 153 -10.54 38.31 -16.87
C SER B 153 -11.96 38.28 -16.33
N TRP B 154 -12.23 39.13 -15.34
CA TRP B 154 -13.55 39.24 -14.74
C TRP B 154 -14.22 40.54 -15.18
N TYR B 155 -15.53 40.49 -15.38
CA TYR B 155 -16.31 41.67 -15.74
C TYR B 155 -17.55 41.72 -14.86
N VAL B 156 -17.78 42.87 -14.23
CA VAL B 156 -18.96 43.12 -13.41
C VAL B 156 -19.72 44.25 -14.07
N ASP B 157 -20.87 43.92 -14.69
CA ASP B 157 -21.65 44.88 -15.46
C ASP B 157 -20.79 45.54 -16.53
N ASN B 158 -20.03 44.71 -17.25
CA ASN B 158 -19.15 45.10 -18.35
C ASN B 158 -17.93 45.91 -17.89
N ALA B 159 -17.73 46.08 -16.59
CA ALA B 159 -16.56 46.75 -16.07
C ALA B 159 -15.46 45.74 -15.77
N LEU B 160 -14.27 45.97 -16.34
CA LEU B 160 -13.16 45.04 -16.14
C LEU B 160 -12.62 45.15 -14.72
N GLN B 161 -12.52 44.00 -14.06
CA GLN B 161 -12.04 43.97 -12.68
C GLN B 161 -10.53 43.79 -12.63
N SER B 162 -9.91 44.35 -11.59
CA SER B 162 -8.48 44.24 -11.39
C SER B 162 -8.18 44.22 -9.89
N GLY B 163 -7.27 43.34 -9.49
CA GLY B 163 -6.78 43.31 -8.12
C GLY B 163 -7.65 42.62 -7.10
N ASN B 164 -8.83 42.13 -7.49
CA ASN B 164 -9.75 41.50 -6.54
C ASN B 164 -10.02 40.03 -6.87
N SER B 165 -9.14 39.39 -7.63
CA SER B 165 -9.30 37.99 -7.98
C SER B 165 -8.00 37.23 -7.72
N GLN B 166 -8.15 35.94 -7.48
CA GLN B 166 -7.01 35.04 -7.29
C GLN B 166 -7.23 33.77 -8.12
N GLU B 167 -6.12 33.21 -8.60
CA GLU B 167 -6.17 32.03 -9.44
C GLU B 167 -5.41 30.88 -8.79
N SER B 168 -5.89 29.67 -9.05
CA SER B 168 -5.21 28.44 -8.62
C SER B 168 -5.28 27.44 -9.76
N VAL B 169 -4.16 26.76 -10.01
CA VAL B 169 -4.02 25.85 -11.13
C VAL B 169 -3.56 24.50 -10.62
N THR B 170 -4.16 23.44 -11.12
CA THR B 170 -3.66 22.10 -10.83
C THR B 170 -2.43 21.81 -11.69
N GLU B 171 -1.76 20.71 -11.38
CA GLU B 171 -0.73 20.21 -12.26
C GLU B 171 -1.35 19.23 -13.27
N GLN B 172 -0.54 18.79 -14.22
CA GLN B 172 -1.04 17.97 -15.32
C GLN B 172 -1.74 16.73 -14.79
N ASP B 173 -2.93 16.46 -15.31
CA ASP B 173 -3.71 15.31 -14.86
C ASP B 173 -3.01 14.01 -15.25
N SER B 174 -3.01 13.04 -14.34
CA SER B 174 -2.24 11.83 -14.55
C SER B 174 -2.85 10.91 -15.60
N LYS B 175 -4.05 11.20 -16.11
CA LYS B 175 -4.68 10.36 -17.11
C LYS B 175 -4.73 11.01 -18.48
N ASP B 176 -5.15 12.28 -18.58
CA ASP B 176 -5.27 12.95 -19.87
C ASP B 176 -4.29 14.10 -20.05
N SER B 177 -3.44 14.38 -19.05
CA SER B 177 -2.39 15.38 -19.12
C SER B 177 -2.91 16.80 -19.25
N THR B 178 -4.16 17.05 -18.88
CA THR B 178 -4.73 18.39 -18.98
C THR B 178 -4.53 19.17 -17.68
N TYR B 179 -4.81 20.46 -17.75
CA TYR B 179 -4.83 21.33 -16.57
C TYR B 179 -6.26 21.73 -16.25
N SER B 180 -6.45 22.18 -15.01
CA SER B 180 -7.67 22.86 -14.60
C SER B 180 -7.30 24.09 -13.81
N LEU B 181 -8.20 25.08 -13.81
CA LEU B 181 -7.92 26.37 -13.21
C LEU B 181 -9.19 26.92 -12.60
N SER B 182 -9.06 27.52 -11.43
CA SER B 182 -10.12 28.29 -10.81
C SER B 182 -9.68 29.74 -10.64
N SER B 183 -10.63 30.65 -10.81
CA SER B 183 -10.42 32.06 -10.53
C SER B 183 -11.54 32.54 -9.63
N THR B 184 -11.18 33.10 -8.48
CA THR B 184 -12.14 33.48 -7.45
C THR B 184 -12.18 34.99 -7.32
N LEU B 185 -13.34 35.58 -7.59
CA LEU B 185 -13.56 37.01 -7.43
C LEU B 185 -14.17 37.26 -6.07
N THR B 186 -13.48 38.03 -5.23
CA THR B 186 -13.90 38.29 -3.86
C THR B 186 -14.43 39.72 -3.77
N LEU B 187 -15.74 39.84 -3.56
CA LEU B 187 -16.39 41.11 -3.32
C LEU B 187 -17.06 41.09 -1.96
N SER B 188 -17.37 42.28 -1.45
CA SER B 188 -18.25 42.36 -0.29
C SER B 188 -19.68 42.08 -0.73
N LYS B 189 -20.50 41.63 0.23
CA LYS B 189 -21.91 41.40 -0.08
C LYS B 189 -22.58 42.67 -0.62
N ALA B 190 -22.25 43.82 -0.03
CA ALA B 190 -22.81 45.07 -0.49
C ALA B 190 -22.47 45.33 -1.96
N ASP B 191 -21.19 45.11 -2.31
CA ASP B 191 -20.79 45.26 -3.71
C ASP B 191 -21.53 44.29 -4.61
N TYR B 192 -21.59 43.01 -4.21
CA TYR B 192 -22.20 42.00 -5.07
C TYR B 192 -23.67 42.31 -5.35
N GLU B 193 -24.39 42.85 -4.35
CA GLU B 193 -25.79 43.15 -4.52
C GLU B 193 -26.05 44.45 -5.27
N LYS B 194 -25.01 45.24 -5.53
CA LYS B 194 -25.14 46.49 -6.29
C LYS B 194 -25.03 46.28 -7.79
N HIS B 195 -24.72 45.08 -8.24
CA HIS B 195 -24.51 44.80 -9.65
C HIS B 195 -25.35 43.61 -10.08
N LYS B 196 -25.48 43.43 -11.39
CA LYS B 196 -26.36 42.42 -11.95
C LYS B 196 -25.63 41.35 -12.74
N VAL B 197 -24.80 41.73 -13.71
CA VAL B 197 -24.18 40.78 -14.63
C VAL B 197 -22.77 40.47 -14.15
N TYR B 198 -22.47 39.18 -13.99
CA TYR B 198 -21.14 38.71 -13.62
C TYR B 198 -20.66 37.75 -14.70
N ALA B 199 -19.43 37.96 -15.17
CA ALA B 199 -18.93 37.21 -16.31
C ALA B 199 -17.44 36.98 -16.16
N CYS B 200 -17.00 35.80 -16.59
CA CYS B 200 -15.60 35.42 -16.60
CA CYS B 200 -15.59 35.47 -16.61
C CYS B 200 -15.19 35.09 -18.03
N GLU B 201 -14.15 35.75 -18.53
CA GLU B 201 -13.70 35.58 -19.91
C GLU B 201 -12.36 34.85 -19.92
N VAL B 202 -12.26 33.82 -20.76
CA VAL B 202 -11.05 33.02 -20.92
C VAL B 202 -10.54 33.22 -22.34
N THR B 203 -9.27 33.62 -22.46
CA THR B 203 -8.65 33.83 -23.77
C THR B 203 -7.47 32.89 -23.92
N GLN B 204 -7.51 32.06 -24.97
CA GLN B 204 -6.39 31.21 -25.37
C GLN B 204 -6.22 31.32 -26.87
N GLY B 205 -5.08 31.84 -27.30
CA GLY B 205 -4.81 31.95 -28.72
C GLY B 205 -5.77 32.90 -29.41
N THR B 206 -6.46 32.39 -30.43
CA THR B 206 -7.38 33.18 -31.23
C THR B 206 -8.83 33.05 -30.77
N THR B 207 -9.06 32.54 -29.56
CA THR B 207 -10.41 32.28 -29.08
C THR B 207 -10.61 32.89 -27.70
N SER B 208 -11.76 33.55 -27.53
CA SER B 208 -12.21 34.03 -26.23
C SER B 208 -13.58 33.41 -25.93
N VAL B 209 -13.75 32.93 -24.71
CA VAL B 209 -15.02 32.36 -24.26
C VAL B 209 -15.42 33.06 -22.97
N THR B 210 -16.67 33.53 -22.92
CA THR B 210 -17.18 34.26 -21.76
C THR B 210 -18.42 33.56 -21.23
N LYS B 211 -18.37 33.16 -19.97
CA LYS B 211 -19.51 32.59 -19.27
C LYS B 211 -20.02 33.59 -18.24
N SER B 212 -21.34 33.75 -18.17
CA SER B 212 -21.92 34.80 -17.34
C SER B 212 -23.18 34.28 -16.64
N PHE B 213 -23.58 35.02 -15.61
CA PHE B 213 -24.88 34.83 -14.97
C PHE B 213 -25.41 36.19 -14.54
N ASN B 214 -26.72 36.27 -14.38
CA ASN B 214 -27.40 37.45 -13.86
C ASN B 214 -27.82 37.18 -12.42
N ARG B 215 -27.42 38.07 -11.52
CA ARG B 215 -27.74 37.89 -10.11
C ARG B 215 -29.26 37.89 -9.90
N GLY B 216 -29.75 36.84 -9.25
CA GLY B 216 -31.13 36.79 -8.82
C GLY B 216 -32.11 36.23 -9.83
N GLU B 217 -31.68 35.34 -10.72
CA GLU B 217 -32.56 34.77 -11.75
C GLU B 217 -32.28 33.29 -11.86
N CYS B 218 -33.24 32.47 -11.42
CA CYS B 218 -33.20 31.03 -11.62
C CYS B 218 -34.53 30.40 -11.23
N ASP C 1 -18.52 2.99 1.90
CA ASP C 1 -19.60 2.07 1.58
C ASP C 1 -20.12 1.36 2.82
N ILE C 2 -20.19 0.04 2.76
CA ILE C 2 -20.75 -0.80 3.81
C ILE C 2 -19.61 -1.53 4.51
N GLN C 3 -19.68 -1.61 5.83
CA GLN C 3 -18.62 -2.20 6.63
C GLN C 3 -19.21 -3.14 7.67
N MET C 4 -18.53 -4.27 7.88
CA MET C 4 -18.91 -5.25 8.89
C MET C 4 -17.71 -5.50 9.78
N THR C 5 -17.92 -5.43 11.10
CA THR C 5 -16.86 -5.52 12.08
C THR C 5 -17.04 -6.78 12.91
N GLN C 6 -16.07 -7.68 12.85
CA GLN C 6 -16.10 -8.92 13.62
C GLN C 6 -15.37 -8.76 14.94
N SER C 7 -15.79 -9.55 15.92
CA SER C 7 -15.17 -9.56 17.24
C SER C 7 -15.31 -10.95 17.84
N PRO C 8 -14.25 -11.49 18.46
CA PRO C 8 -12.92 -10.89 18.53
C PRO C 8 -12.13 -11.09 17.23
N SER C 9 -10.95 -10.48 17.12
CA SER C 9 -10.13 -10.68 15.94
C SER C 9 -9.41 -12.03 15.95
N SER C 10 -9.23 -12.62 17.13
CA SER C 10 -8.61 -13.93 17.26
C SER C 10 -8.91 -14.48 18.64
N LEU C 11 -8.94 -15.80 18.75
CA LEU C 11 -9.19 -16.45 20.03
C LEU C 11 -8.50 -17.80 20.07
N SER C 12 -8.20 -18.25 21.28
CA SER C 12 -7.60 -19.56 21.52
C SER C 12 -8.47 -20.30 22.52
N ALA C 13 -8.87 -21.52 22.17
CA ALA C 13 -9.79 -22.29 22.99
C ALA C 13 -9.40 -23.76 22.98
N SER C 14 -9.85 -24.47 24.01
CA SER C 14 -9.59 -25.89 24.14
C SER C 14 -10.70 -26.69 23.47
N VAL C 15 -10.39 -27.96 23.19
CA VAL C 15 -11.38 -28.85 22.57
C VAL C 15 -12.55 -29.03 23.51
N GLY C 16 -13.77 -28.93 22.96
CA GLY C 16 -14.98 -29.01 23.73
C GLY C 16 -15.51 -27.69 24.23
N ASP C 17 -14.74 -26.61 24.12
CA ASP C 17 -15.21 -25.30 24.53
C ASP C 17 -16.31 -24.80 23.60
N ARG C 18 -17.07 -23.84 24.10
CA ARG C 18 -18.06 -23.13 23.30
C ARG C 18 -17.47 -21.81 22.84
N VAL C 19 -17.51 -21.57 21.52
CA VAL C 19 -16.91 -20.39 20.90
C VAL C 19 -18.00 -19.57 20.24
N THR C 20 -17.95 -18.25 20.45
CA THR C 20 -18.90 -17.32 19.86
C THR C 20 -18.15 -16.22 19.12
N ILE C 21 -18.55 -15.95 17.88
CA ILE C 21 -18.00 -14.87 17.09
C ILE C 21 -19.16 -13.97 16.65
N THR C 22 -19.02 -12.67 16.89
CA THR C 22 -20.04 -11.70 16.53
C THR C 22 -19.57 -10.84 15.36
N CYS C 23 -20.54 -10.31 14.61
CA CYS C 23 -20.25 -9.55 13.41
C CYS C 23 -21.31 -8.47 13.28
N ARG C 24 -20.88 -7.21 13.38
CA ARG C 24 -21.78 -6.05 13.48
C ARG C 24 -21.75 -5.27 12.17
N ALA C 25 -22.91 -5.16 11.53
CA ALA C 25 -23.03 -4.50 10.24
C ALA C 25 -23.48 -3.05 10.41
N SER C 26 -23.06 -2.21 9.44
CA SER C 26 -23.40 -0.80 9.49
C SER C 26 -24.79 -0.50 8.96
N GLN C 27 -25.40 -1.42 8.22
CA GLN C 27 -26.72 -1.20 7.63
C GLN C 27 -27.47 -2.53 7.60
N SER C 28 -28.75 -2.44 7.24
CA SER C 28 -29.59 -3.62 7.14
C SER C 28 -29.21 -4.42 5.90
N VAL C 29 -29.36 -5.74 6.00
CA VAL C 29 -29.03 -6.63 4.90
C VAL C 29 -30.27 -6.88 4.05
N TRP C 30 -30.06 -7.41 2.85
CA TRP C 30 -31.15 -7.57 1.89
C TRP C 30 -32.24 -8.49 2.45
N ARG C 31 -33.45 -7.94 2.56
CA ARG C 31 -34.61 -8.62 3.14
C ARG C 31 -34.35 -9.08 4.57
N ASN C 32 -33.37 -8.47 5.23
CA ASN C 32 -32.99 -8.81 6.61
C ASN C 32 -32.68 -10.30 6.75
N LYS C 33 -32.13 -10.91 5.70
CA LYS C 33 -31.81 -12.33 5.74
C LYS C 33 -30.51 -12.72 5.07
N ASN C 34 -29.98 -11.94 4.11
CA ASN C 34 -28.81 -12.35 3.34
C ASN C 34 -27.54 -12.07 4.14
N VAL C 35 -27.20 -13.01 5.01
CA VAL C 35 -25.94 -13.01 5.76
C VAL C 35 -25.42 -14.44 5.79
N ALA C 36 -24.13 -14.61 5.53
CA ALA C 36 -23.51 -15.92 5.51
C ALA C 36 -22.25 -15.91 6.37
N TRP C 37 -21.84 -17.12 6.77
CA TRP C 37 -20.63 -17.33 7.56
C TRP C 37 -19.71 -18.28 6.80
N TYR C 38 -18.43 -17.92 6.71
CA TYR C 38 -17.46 -18.69 5.94
C TYR C 38 -16.30 -19.13 6.83
N GLN C 39 -15.84 -20.36 6.60
CA GLN C 39 -14.66 -20.91 7.25
C GLN C 39 -13.57 -21.11 6.21
N GLN C 40 -12.37 -20.62 6.51
CA GLN C 40 -11.22 -20.80 5.63
C GLN C 40 -10.09 -21.45 6.43
N LYS C 41 -9.84 -22.72 6.16
CA LYS C 41 -8.69 -23.40 6.74
C LYS C 41 -7.43 -23.00 5.99
N PRO C 42 -6.26 -23.11 6.63
CA PRO C 42 -5.02 -22.60 6.02
C PRO C 42 -4.74 -23.25 4.67
N GLY C 43 -4.40 -22.42 3.69
CA GLY C 43 -4.01 -22.90 2.38
C GLY C 43 -5.13 -23.43 1.52
N LYS C 44 -6.39 -23.29 1.96
CA LYS C 44 -7.53 -23.78 1.21
C LYS C 44 -8.45 -22.61 0.86
N ALA C 45 -9.38 -22.88 -0.06
CA ALA C 45 -10.38 -21.89 -0.41
C ALA C 45 -11.40 -21.77 0.71
N PRO C 46 -12.02 -20.60 0.88
CA PRO C 46 -13.06 -20.44 1.90
C PRO C 46 -14.24 -21.35 1.60
N LYS C 47 -14.86 -21.84 2.68
CA LYS C 47 -16.01 -22.74 2.60
C LYS C 47 -17.17 -22.16 3.38
N ARG C 48 -18.36 -22.16 2.78
CA ARG C 48 -19.52 -21.59 3.43
C ARG C 48 -20.10 -22.57 4.45
N LEU C 49 -20.32 -22.08 5.67
CA LEU C 49 -20.92 -22.88 6.73
C LEU C 49 -22.40 -22.60 6.89
N ILE C 50 -22.80 -21.33 6.94
CA ILE C 50 -24.17 -20.92 7.22
C ILE C 50 -24.59 -19.88 6.20
N TYR C 51 -25.86 -19.94 5.79
CA TYR C 51 -26.45 -18.94 4.92
C TYR C 51 -27.80 -18.56 5.48
N ALA C 52 -28.32 -17.41 5.03
CA ALA C 52 -29.60 -16.89 5.50
C ALA C 52 -29.63 -16.79 7.02
N ILE C 53 -28.53 -16.29 7.59
CA ILE C 53 -28.38 -16.01 9.02
C ILE C 53 -28.27 -17.30 9.83
N ALA C 54 -29.16 -18.26 9.59
CA ALA C 54 -29.22 -19.44 10.45
C ALA C 54 -29.41 -20.76 9.72
N SER C 55 -29.45 -20.78 8.39
CA SER C 55 -29.64 -22.04 7.67
C SER C 55 -28.30 -22.75 7.52
N LEU C 56 -28.21 -23.94 8.12
CA LEU C 56 -27.01 -24.75 8.01
C LEU C 56 -27.06 -25.58 6.73
N TYR C 57 -26.09 -25.38 5.84
CA TYR C 57 -26.04 -26.16 4.61
C TYR C 57 -25.78 -27.63 4.93
N SER C 58 -26.38 -28.51 4.14
CA SER C 58 -26.26 -29.95 4.39
C SER C 58 -24.80 -30.38 4.34
N GLY C 59 -24.43 -31.26 5.27
CA GLY C 59 -23.07 -31.75 5.37
C GLY C 59 -22.18 -30.97 6.32
N VAL C 60 -22.57 -29.75 6.69
CA VAL C 60 -21.80 -28.94 7.62
C VAL C 60 -22.10 -29.41 9.04
N PRO C 61 -21.09 -29.55 9.90
CA PRO C 61 -21.35 -30.10 11.25
C PRO C 61 -22.35 -29.27 12.02
N SER C 62 -23.18 -29.96 12.82
CA SER C 62 -24.27 -29.32 13.54
C SER C 62 -23.78 -28.49 14.72
N ARG C 63 -22.52 -28.59 15.12
CA ARG C 63 -21.99 -27.73 16.18
C ARG C 63 -21.90 -26.27 15.74
N PHE C 64 -22.02 -26.00 14.45
CA PHE C 64 -22.06 -24.63 13.95
C PHE C 64 -23.50 -24.15 13.89
N SER C 65 -23.77 -23.01 14.52
CA SER C 65 -25.09 -22.41 14.52
C SER C 65 -24.97 -20.91 14.32
N GLY C 66 -25.91 -20.33 13.58
CA GLY C 66 -25.92 -18.91 13.31
C GLY C 66 -27.18 -18.26 13.83
N SER C 67 -27.07 -17.02 14.26
CA SER C 67 -28.19 -16.27 14.79
C SER C 67 -27.92 -14.78 14.60
N GLY C 68 -28.89 -13.98 15.00
CA GLY C 68 -28.79 -12.53 14.91
C GLY C 68 -29.97 -11.93 14.19
N SER C 69 -30.01 -10.60 14.20
CA SER C 69 -31.11 -9.86 13.60
C SER C 69 -30.66 -8.42 13.37
N GLY C 70 -31.33 -7.76 12.43
CA GLY C 70 -31.05 -6.38 12.13
C GLY C 70 -29.64 -6.15 11.60
N THR C 71 -28.72 -5.77 12.48
CA THR C 71 -27.35 -5.50 12.11
C THR C 71 -26.33 -6.20 13.00
N ASP C 72 -26.77 -7.15 13.84
CA ASP C 72 -25.88 -7.87 14.74
C ASP C 72 -26.12 -9.37 14.57
N PHE C 73 -25.08 -10.09 14.17
CA PHE C 73 -25.17 -11.52 13.90
C PHE C 73 -24.07 -12.25 14.65
N THR C 74 -24.31 -13.53 14.93
CA THR C 74 -23.42 -14.31 15.78
C THR C 74 -23.27 -15.73 15.25
N LEU C 75 -22.03 -16.21 15.21
CA LEU C 75 -21.70 -17.59 14.91
C LEU C 75 -21.29 -18.31 16.19
N THR C 76 -21.80 -19.52 16.37
CA THR C 76 -21.55 -20.28 17.60
C THR C 76 -21.05 -21.68 17.27
N ILE C 77 -19.95 -22.08 17.89
CA ILE C 77 -19.45 -23.44 17.83
C ILE C 77 -19.67 -24.06 19.21
N SER C 78 -20.64 -24.97 19.31
CA SER C 78 -21.05 -25.50 20.60
C SER C 78 -19.94 -26.30 21.27
N SER C 79 -19.30 -27.20 20.51
CA SER C 79 -18.25 -28.06 21.05
C SER C 79 -17.07 -28.04 20.08
N LEU C 80 -16.04 -27.27 20.42
CA LEU C 80 -14.90 -27.10 19.53
C LEU C 80 -14.16 -28.42 19.33
N GLN C 81 -13.79 -28.69 18.09
CA GLN C 81 -13.01 -29.87 17.70
C GLN C 81 -11.62 -29.44 17.23
N PRO C 82 -10.66 -30.37 17.19
CA PRO C 82 -9.31 -29.99 16.74
C PRO C 82 -9.26 -29.48 15.31
N GLU C 83 -10.10 -30.00 14.42
CA GLU C 83 -10.11 -29.57 13.03
C GLU C 83 -10.75 -28.21 12.83
N ASP C 84 -11.28 -27.59 13.88
CA ASP C 84 -11.96 -26.32 13.77
C ASP C 84 -11.01 -25.12 13.84
N PHE C 85 -9.70 -25.35 13.88
CA PHE C 85 -8.77 -24.23 13.82
C PHE C 85 -8.72 -23.69 12.39
N ALA C 86 -9.03 -22.40 12.25
CA ALA C 86 -9.11 -21.74 10.94
C ALA C 86 -9.47 -20.28 11.14
N THR C 87 -9.63 -19.55 10.04
CA THR C 87 -10.10 -18.17 10.06
C THR C 87 -11.56 -18.16 9.62
N TYR C 88 -12.39 -17.41 10.34
CA TYR C 88 -13.82 -17.36 10.09
C TYR C 88 -14.23 -15.97 9.63
N TYR C 89 -15.13 -15.91 8.65
CA TYR C 89 -15.55 -14.66 8.04
C TYR C 89 -17.07 -14.59 7.96
N CYS C 90 -17.64 -13.45 8.33
CA CYS C 90 -19.02 -13.14 7.99
C CYS C 90 -19.05 -12.38 6.68
N VAL C 91 -20.20 -12.46 6.00
CA VAL C 91 -20.38 -11.73 4.74
C VAL C 91 -21.85 -11.34 4.64
N GLY C 92 -22.11 -10.09 4.24
CA GLY C 92 -23.45 -9.57 4.15
C GLY C 92 -23.75 -9.04 2.77
N HIS C 93 -25.03 -9.08 2.41
CA HIS C 93 -25.52 -8.60 1.13
C HIS C 93 -26.39 -7.37 1.36
N TYR C 94 -26.10 -6.29 0.63
CA TYR C 94 -26.73 -5.00 0.90
C TYR C 94 -27.19 -4.36 -0.39
N GLY C 95 -27.83 -3.19 -0.25
CA GLY C 95 -28.25 -2.40 -1.37
C GLY C 95 -29.74 -2.14 -1.40
N SER C 96 -30.23 -1.62 -2.53
CA SER C 96 -31.66 -1.41 -2.72
C SER C 96 -32.14 -2.29 -3.88
N GLU C 97 -33.28 -1.93 -4.46
CA GLU C 97 -33.74 -2.64 -5.65
C GLU C 97 -33.03 -2.16 -6.92
N ASN C 98 -32.18 -1.14 -6.80
CA ASN C 98 -31.37 -0.65 -7.91
C ASN C 98 -29.89 -0.66 -7.58
N ASP C 99 -29.50 -1.41 -6.55
CA ASP C 99 -28.11 -1.46 -6.07
C ASP C 99 -27.88 -2.78 -5.35
N ALA C 100 -26.71 -3.35 -5.54
CA ALA C 100 -26.37 -4.64 -4.95
C ALA C 100 -24.90 -4.63 -4.54
N TYR C 101 -24.62 -5.02 -3.29
CA TYR C 101 -23.26 -4.99 -2.77
C TYR C 101 -23.04 -6.13 -1.78
N TYR C 102 -21.77 -6.44 -1.55
CA TYR C 102 -21.36 -7.41 -0.54
C TYR C 102 -20.22 -6.81 0.29
N ALA C 103 -20.06 -7.33 1.51
CA ALA C 103 -18.98 -6.89 2.38
C ALA C 103 -18.59 -8.04 3.31
N PHE C 104 -17.29 -8.20 3.52
CA PHE C 104 -16.75 -9.21 4.42
C PHE C 104 -16.30 -8.57 5.72
N GLY C 105 -16.39 -9.34 6.81
CA GLY C 105 -15.72 -8.98 8.03
C GLY C 105 -14.24 -9.28 7.96
N GLN C 106 -13.49 -8.71 8.90
CA GLN C 106 -12.03 -8.81 8.83
C GLN C 106 -11.49 -10.19 9.19
N GLY C 107 -12.32 -11.06 9.78
CA GLY C 107 -11.89 -12.42 10.05
C GLY C 107 -11.49 -12.68 11.49
N THR C 108 -11.78 -13.89 11.98
CA THR C 108 -11.44 -14.30 13.34
C THR C 108 -10.61 -15.57 13.29
N LYS C 109 -9.36 -15.48 13.74
CA LYS C 109 -8.48 -16.64 13.77
C LYS C 109 -8.74 -17.44 15.04
N VAL C 110 -9.00 -18.74 14.87
CA VAL C 110 -9.31 -19.63 15.98
C VAL C 110 -8.19 -20.65 16.10
N GLU C 111 -7.51 -20.64 17.25
CA GLU C 111 -6.44 -21.57 17.55
C GLU C 111 -6.91 -22.57 18.61
N ILE C 112 -6.25 -23.72 18.63
CA ILE C 112 -6.58 -24.80 19.57
C ILE C 112 -5.60 -24.73 20.73
N LYS C 113 -6.11 -24.50 21.93
CA LYS C 113 -5.27 -24.48 23.11
C LYS C 113 -4.71 -25.87 23.40
N ARG C 114 -3.63 -25.91 24.17
CA ARG C 114 -2.84 -27.13 24.35
C ARG C 114 -1.76 -26.84 25.40
N THR C 115 -1.25 -27.91 26.00
CA THR C 115 -0.19 -27.77 26.99
C THR C 115 1.08 -27.22 26.35
N VAL C 116 1.89 -26.54 27.18
CA VAL C 116 3.14 -25.97 26.70
C VAL C 116 4.10 -27.09 26.32
N ALA C 117 4.85 -26.88 25.23
CA ALA C 117 5.87 -27.82 24.78
C ALA C 117 7.08 -27.05 24.30
N ALA C 118 8.25 -27.39 24.82
CA ALA C 118 9.48 -26.68 24.47
C ALA C 118 10.00 -27.17 23.11
N PRO C 119 10.60 -26.29 22.32
CA PRO C 119 11.03 -26.69 20.97
C PRO C 119 12.35 -27.43 20.96
N SER C 120 12.48 -28.31 19.97
CA SER C 120 13.78 -28.82 19.57
C SER C 120 14.43 -27.78 18.66
N VAL C 121 15.68 -27.42 18.96
CA VAL C 121 16.34 -26.31 18.31
C VAL C 121 17.55 -26.83 17.54
N PHE C 122 17.55 -26.60 16.23
CA PHE C 122 18.66 -26.96 15.36
C PHE C 122 19.16 -25.71 14.64
N ILE C 123 20.46 -25.63 14.42
CA ILE C 123 21.08 -24.55 13.66
C ILE C 123 21.86 -25.17 12.50
N PHE C 124 21.74 -24.54 11.32
CA PHE C 124 22.38 -25.04 10.11
C PHE C 124 23.34 -23.98 9.57
N PRO C 125 24.63 -24.26 9.42
CA PRO C 125 25.53 -23.31 8.75
C PRO C 125 25.20 -23.24 7.27
N PRO C 126 25.67 -22.20 6.57
CA PRO C 126 25.46 -22.14 5.12
C PRO C 126 26.26 -23.22 4.40
N SER C 127 25.63 -23.85 3.42
CA SER C 127 26.29 -24.88 2.64
C SER C 127 27.44 -24.28 1.83
N ASP C 128 28.42 -25.12 1.52
CA ASP C 128 29.53 -24.69 0.67
C ASP C 128 29.02 -24.26 -0.69
N GLU C 129 27.96 -24.90 -1.18
CA GLU C 129 27.43 -24.58 -2.50
C GLU C 129 26.91 -23.14 -2.54
N GLN C 130 26.23 -22.70 -1.47
CA GLN C 130 25.71 -21.34 -1.46
C GLN C 130 26.82 -20.31 -1.28
N LEU C 131 27.83 -20.63 -0.46
CA LEU C 131 28.93 -19.69 -0.25
C LEU C 131 29.65 -19.35 -1.56
N LYS C 132 29.69 -20.28 -2.49
CA LYS C 132 30.29 -20.04 -3.80
C LYS C 132 29.46 -19.07 -4.66
N SER C 133 28.43 -18.44 -4.10
CA SER C 133 27.64 -17.44 -4.82
C SER C 133 27.62 -16.08 -4.10
N GLY C 134 28.48 -15.89 -3.11
CA GLY C 134 28.62 -14.60 -2.46
C GLY C 134 27.61 -14.28 -1.38
N THR C 135 26.66 -15.17 -1.11
CA THR C 135 25.65 -14.97 -0.07
C THR C 135 25.65 -16.16 0.89
N ALA C 136 25.43 -15.87 2.17
CA ALA C 136 25.40 -16.90 3.20
C ALA C 136 24.09 -16.83 3.95
N SER C 137 23.37 -17.95 4.00
CA SER C 137 22.12 -18.06 4.74
C SER C 137 22.33 -19.02 5.91
N VAL C 138 22.13 -18.52 7.13
CA VAL C 138 22.20 -19.32 8.35
C VAL C 138 20.78 -19.57 8.84
N VAL C 139 20.43 -20.82 9.07
CA VAL C 139 19.06 -21.24 9.35
C VAL C 139 18.99 -21.81 10.76
N CYS C 140 17.97 -21.39 11.51
CA CYS C 140 17.67 -21.91 12.84
C CYS C 140 16.26 -22.46 12.82
N LEU C 141 16.09 -23.69 13.30
CA LEU C 141 14.81 -24.39 13.26
C LEU C 141 14.30 -24.63 14.67
N LEU C 142 13.02 -24.31 14.90
CA LEU C 142 12.32 -24.60 16.14
C LEU C 142 11.21 -25.60 15.80
N ASN C 143 11.39 -26.85 16.23
CA ASN C 143 10.50 -27.92 15.80
C ASN C 143 9.52 -28.28 16.92
N ASN C 144 8.22 -28.28 16.57
CA ASN C 144 7.16 -28.85 17.38
C ASN C 144 7.12 -28.25 18.79
N PHE C 145 6.68 -27.00 18.84
CA PHE C 145 6.57 -26.29 20.11
C PHE C 145 5.20 -25.63 20.24
N TYR C 146 4.88 -25.25 21.47
CA TYR C 146 3.70 -24.49 21.85
C TYR C 146 4.06 -23.76 23.14
N PRO C 147 3.56 -22.53 23.34
CA PRO C 147 2.65 -21.76 22.50
C PRO C 147 3.28 -21.09 21.30
N ARG C 148 2.48 -20.29 20.60
CA ARG C 148 2.92 -19.69 19.35
C ARG C 148 4.00 -18.63 19.58
N GLU C 149 3.83 -17.78 20.59
CA GLU C 149 4.74 -16.66 20.80
C GLU C 149 6.11 -17.16 21.25
N ALA C 150 7.13 -16.80 20.48
CA ALA C 150 8.51 -17.14 20.81
C ALA C 150 9.44 -16.07 20.26
N LYS C 151 10.52 -15.82 20.99
CA LYS C 151 11.49 -14.78 20.65
C LYS C 151 12.78 -15.45 20.18
N VAL C 152 13.19 -15.15 18.95
CA VAL C 152 14.40 -15.69 18.35
C VAL C 152 15.37 -14.55 18.11
N SER C 153 16.59 -14.71 18.60
CA SER C 153 17.63 -13.69 18.47
C SER C 153 18.88 -14.34 17.89
N TRP C 154 19.52 -13.65 16.96
CA TRP C 154 20.76 -14.12 16.35
C TRP C 154 21.94 -13.38 16.95
N TYR C 155 23.08 -14.07 17.00
CA TYR C 155 24.31 -13.50 17.53
C TYR C 155 25.48 -13.92 16.66
N VAL C 156 26.32 -12.96 16.30
CA VAL C 156 27.53 -13.21 15.52
C VAL C 156 28.70 -12.67 16.33
N ASP C 157 29.54 -13.58 16.83
CA ASP C 157 30.62 -13.24 17.75
C ASP C 157 30.08 -12.47 18.95
N ASN C 158 28.98 -13.00 19.50
CA ASN C 158 28.26 -12.46 20.66
C ASN C 158 27.65 -11.08 20.40
N ALA C 159 27.63 -10.62 19.16
CA ALA C 159 27.00 -9.35 18.81
C ALA C 159 25.60 -9.61 18.29
N LEU C 160 24.61 -8.95 18.88
CA LEU C 160 23.22 -9.18 18.53
C LEU C 160 22.92 -8.65 17.12
N GLN C 161 22.29 -9.47 16.30
CA GLN C 161 21.93 -9.09 14.94
C GLN C 161 20.53 -8.51 14.90
N SER C 162 20.32 -7.56 13.99
CA SER C 162 19.03 -6.90 13.85
C SER C 162 18.78 -6.56 12.39
N GLY C 163 17.61 -6.95 11.89
CA GLY C 163 17.15 -6.54 10.58
C GLY C 163 17.59 -7.41 9.41
N ASN C 164 18.47 -8.38 9.64
CA ASN C 164 18.97 -9.24 8.57
C ASN C 164 18.46 -10.67 8.70
N SER C 165 17.31 -10.85 9.33
CA SER C 165 16.72 -12.17 9.51
C SER C 165 15.23 -12.13 9.18
N GLN C 166 14.70 -13.27 8.76
CA GLN C 166 13.28 -13.43 8.47
C GLN C 166 12.78 -14.70 9.12
N GLU C 167 11.51 -14.69 9.53
CA GLU C 167 10.90 -15.82 10.19
C GLU C 167 9.70 -16.31 9.40
N SER C 168 9.48 -17.63 9.43
CA SER C 168 8.32 -18.26 8.83
C SER C 168 7.84 -19.36 9.78
N VAL C 169 6.52 -19.48 9.91
CA VAL C 169 5.90 -20.35 10.92
C VAL C 169 4.88 -21.25 10.25
N THR C 170 4.94 -22.54 10.57
CA THR C 170 3.88 -23.45 10.20
C THR C 170 2.71 -23.30 11.18
N GLU C 171 1.55 -23.82 10.78
CA GLU C 171 0.38 -23.76 11.64
C GLU C 171 0.39 -24.93 12.62
N GLN C 172 -0.63 -24.99 13.47
CA GLN C 172 -0.75 -26.07 14.43
C GLN C 172 -0.88 -27.41 13.70
N ASP C 173 0.01 -28.34 14.04
CA ASP C 173 -0.06 -29.67 13.46
C ASP C 173 -1.41 -30.32 13.77
N SER C 174 -1.97 -31.00 12.78
CA SER C 174 -3.28 -31.62 12.96
C SER C 174 -3.28 -32.67 14.06
N LYS C 175 -2.11 -33.21 14.42
CA LYS C 175 -2.03 -34.27 15.42
C LYS C 175 -1.79 -33.72 16.83
N ASP C 176 -0.71 -32.96 17.01
CA ASP C 176 -0.31 -32.49 18.33
C ASP C 176 -0.53 -31.00 18.55
N SER C 177 -1.04 -30.27 17.55
CA SER C 177 -1.37 -28.86 17.67
C SER C 177 -0.17 -27.99 18.01
N THR C 178 1.02 -28.38 17.56
CA THR C 178 2.23 -27.60 17.79
C THR C 178 2.58 -26.77 16.56
N TYR C 179 3.45 -25.79 16.78
CA TYR C 179 3.99 -24.99 15.70
C TYR C 179 5.46 -25.36 15.46
N SER C 180 5.92 -25.07 14.26
CA SER C 180 7.33 -25.08 13.93
C SER C 180 7.69 -23.74 13.30
N LEU C 181 8.94 -23.34 13.47
CA LEU C 181 9.38 -22.02 13.04
C LEU C 181 10.78 -22.13 12.46
N SER C 182 11.03 -21.36 11.40
CA SER C 182 12.37 -21.18 10.86
C SER C 182 12.75 -19.71 10.95
N SER C 183 13.97 -19.45 11.39
CA SER C 183 14.58 -18.13 11.30
C SER C 183 15.79 -18.24 10.39
N THR C 184 15.89 -17.34 9.42
CA THR C 184 16.96 -17.36 8.43
C THR C 184 17.72 -16.05 8.50
N LEU C 185 19.03 -16.14 8.75
CA LEU C 185 19.91 -14.98 8.85
C LEU C 185 20.70 -14.85 7.55
N THR C 186 20.55 -13.71 6.87
CA THR C 186 21.15 -13.48 5.57
C THR C 186 22.33 -12.53 5.71
N LEU C 187 23.52 -13.05 5.43
CA LEU C 187 24.76 -12.27 5.45
C LEU C 187 25.42 -12.35 4.08
N SER C 188 26.24 -11.35 3.78
CA SER C 188 27.16 -11.48 2.65
C SER C 188 28.22 -12.52 2.97
N LYS C 189 28.78 -13.13 1.92
CA LYS C 189 29.83 -14.12 2.15
C LYS C 189 31.01 -13.49 2.87
N ALA C 190 31.41 -12.29 2.47
CA ALA C 190 32.55 -11.63 3.08
C ALA C 190 32.36 -11.45 4.58
N ASP C 191 31.15 -11.03 4.98
CA ASP C 191 30.88 -10.88 6.41
C ASP C 191 30.87 -12.22 7.12
N TYR C 192 30.31 -13.26 6.48
CA TYR C 192 30.27 -14.57 7.10
C TYR C 192 31.67 -15.12 7.35
N GLU C 193 32.59 -14.89 6.42
CA GLU C 193 33.96 -15.33 6.58
C GLU C 193 34.75 -14.46 7.55
N LYS C 194 34.20 -13.33 7.99
CA LYS C 194 34.89 -12.41 8.88
C LYS C 194 34.70 -12.77 10.36
N HIS C 195 33.72 -13.61 10.69
CA HIS C 195 33.43 -13.95 12.07
C HIS C 195 33.42 -15.46 12.24
N LYS C 196 33.52 -15.91 13.49
CA LYS C 196 33.66 -17.33 13.80
C LYS C 196 32.43 -17.94 14.46
N VAL C 197 31.92 -17.33 15.52
CA VAL C 197 30.86 -17.92 16.34
C VAL C 197 29.51 -17.41 15.85
N TYR C 198 28.59 -18.34 15.62
CA TYR C 198 27.22 -18.03 15.20
C TYR C 198 26.25 -18.77 16.11
N ALA C 199 25.25 -18.07 16.61
CA ALA C 199 24.35 -18.62 17.61
C ALA C 199 22.93 -18.11 17.38
N CYS C 200 21.96 -18.99 17.60
CA CYS C 200 20.54 -18.64 17.57
CA CYS C 200 20.55 -18.61 17.58
C CYS C 200 19.94 -18.94 18.93
N GLU C 201 19.45 -17.91 19.61
CA GLU C 201 18.87 -18.05 20.95
C GLU C 201 17.36 -17.98 20.87
N VAL C 202 16.70 -18.97 21.47
CA VAL C 202 15.25 -19.04 21.54
C VAL C 202 14.82 -18.81 22.97
N THR C 203 13.88 -17.89 23.17
CA THR C 203 13.38 -17.56 24.51
C THR C 203 11.87 -17.78 24.55
N GLN C 204 11.42 -18.58 25.52
CA GLN C 204 10.00 -18.78 25.77
C GLN C 204 9.78 -18.76 27.27
N GLY C 205 9.04 -17.76 27.74
CA GLY C 205 8.75 -17.67 29.16
C GLY C 205 10.01 -17.42 29.96
N THR C 206 10.33 -18.38 30.83
CA THR C 206 11.46 -18.26 31.75
C THR C 206 12.70 -19.00 31.28
N THR C 207 12.71 -19.48 30.04
CA THR C 207 13.79 -20.33 29.56
C THR C 207 14.32 -19.83 28.23
N SER C 208 15.65 -19.78 28.11
CA SER C 208 16.32 -19.45 26.87
C SER C 208 17.26 -20.58 26.50
N VAL C 209 17.15 -21.07 25.26
CA VAL C 209 18.02 -22.11 24.73
C VAL C 209 18.79 -21.52 23.57
N THR C 210 20.11 -21.68 23.59
CA THR C 210 20.99 -21.15 22.55
C THR C 210 21.74 -22.30 21.90
N LYS C 211 21.60 -22.42 20.59
CA LYS C 211 22.37 -23.37 19.78
C LYS C 211 23.35 -22.58 18.92
N SER C 212 24.60 -23.03 18.88
CA SER C 212 25.64 -22.29 18.18
C SER C 212 26.53 -23.23 17.40
N PHE C 213 27.32 -22.65 16.50
CA PHE C 213 28.38 -23.38 15.82
C PHE C 213 29.54 -22.41 15.57
N ASN C 214 30.69 -22.99 15.26
CA ASN C 214 31.89 -22.24 14.89
C ASN C 214 32.21 -22.53 13.44
N ARG C 215 32.39 -21.47 12.64
CA ARG C 215 32.69 -21.65 11.23
C ARG C 215 34.00 -22.41 11.06
N GLY C 216 33.97 -23.46 10.25
CA GLY C 216 35.13 -24.29 10.05
C GLY C 216 35.23 -25.43 11.05
N GLU C 217 34.22 -26.31 11.04
CA GLU C 217 34.18 -27.46 11.93
C GLU C 217 33.79 -28.69 11.13
N CYS C 218 34.68 -29.68 11.11
CA CYS C 218 34.40 -30.94 10.43
C CYS C 218 35.42 -32.01 10.84
N VAL D 2 -22.28 -29.13 -10.55
CA VAL D 2 -22.18 -27.68 -10.63
C VAL D 2 -20.77 -27.24 -10.23
N GLN D 3 -20.06 -26.59 -11.17
CA GLN D 3 -18.70 -26.16 -10.95
C GLN D 3 -18.46 -24.81 -11.62
N LEU D 4 -17.41 -24.14 -11.17
CA LEU D 4 -17.01 -22.82 -11.67
C LEU D 4 -15.50 -22.85 -11.87
N VAL D 5 -15.06 -22.96 -13.11
CA VAL D 5 -13.67 -23.20 -13.45
C VAL D 5 -13.01 -21.87 -13.80
N GLU D 6 -11.99 -21.50 -13.02
CA GLU D 6 -11.31 -20.22 -13.16
C GLU D 6 -10.04 -20.38 -13.98
N SER D 7 -9.74 -19.37 -14.80
CA SER D 7 -8.59 -19.44 -15.69
C SER D 7 -7.96 -18.06 -15.80
N GLY D 8 -6.84 -18.00 -16.51
CA GLY D 8 -6.06 -16.78 -16.62
C GLY D 8 -5.18 -16.59 -15.40
N GLY D 9 -4.73 -15.36 -15.22
CA GLY D 9 -3.92 -15.01 -14.07
C GLY D 9 -2.48 -15.48 -14.20
N GLY D 10 -1.62 -14.86 -13.40
CA GLY D 10 -0.20 -15.10 -13.48
C GLY D 10 0.57 -13.83 -13.19
N LEU D 11 1.69 -13.63 -13.89
CA LEU D 11 2.57 -12.50 -13.61
C LEU D 11 2.15 -11.29 -14.43
N VAL D 12 1.98 -10.16 -13.75
CA VAL D 12 1.58 -8.90 -14.38
C VAL D 12 2.49 -7.79 -13.87
N GLN D 13 2.85 -6.86 -14.77
CA GLN D 13 3.74 -5.75 -14.44
C GLN D 13 2.98 -4.63 -13.72
N PRO D 14 3.67 -3.88 -12.86
CA PRO D 14 3.03 -2.71 -12.24
C PRO D 14 2.57 -1.71 -13.29
N GLY D 15 1.36 -1.17 -13.08
CA GLY D 15 0.70 -0.39 -14.08
C GLY D 15 0.01 -1.19 -15.16
N GLY D 16 0.21 -2.50 -15.20
CA GLY D 16 -0.43 -3.35 -16.18
C GLY D 16 -1.86 -3.69 -15.79
N SER D 17 -2.43 -4.62 -16.55
CA SER D 17 -3.81 -5.03 -16.37
C SER D 17 -3.90 -6.53 -16.13
N LEU D 18 -4.97 -6.95 -15.47
CA LEU D 18 -5.28 -8.37 -15.30
C LEU D 18 -6.61 -8.66 -15.97
N ARG D 19 -6.74 -9.89 -16.48
CA ARG D 19 -8.00 -10.38 -17.01
C ARG D 19 -8.22 -11.79 -16.51
N LEU D 20 -9.34 -12.02 -15.83
CA LEU D 20 -9.65 -13.31 -15.23
C LEU D 20 -11.04 -13.74 -15.66
N SER D 21 -11.18 -15.01 -16.00
CA SER D 21 -12.44 -15.57 -16.46
C SER D 21 -12.80 -16.78 -15.61
N CYS D 22 -14.10 -17.04 -15.53
CA CYS D 22 -14.64 -18.22 -14.85
C CYS D 22 -15.70 -18.85 -15.74
N THR D 23 -15.46 -20.09 -16.14
CA THR D 23 -16.37 -20.81 -17.04
C THR D 23 -17.24 -21.75 -16.22
N ALA D 24 -18.55 -21.65 -16.39
CA ALA D 24 -19.49 -22.47 -15.65
C ALA D 24 -19.66 -23.83 -16.34
N SER D 25 -19.84 -24.86 -15.53
CA SER D 25 -20.10 -26.21 -16.02
C SER D 25 -21.17 -26.85 -15.15
N GLY D 26 -22.18 -27.43 -15.78
CA GLY D 26 -23.30 -28.00 -15.07
C GLY D 26 -24.46 -27.06 -14.84
N PHE D 27 -24.37 -25.82 -15.30
CA PHE D 27 -25.46 -24.86 -15.20
C PHE D 27 -25.17 -23.72 -16.18
N SER D 28 -26.03 -22.71 -16.16
CA SER D 28 -25.93 -21.57 -17.05
C SER D 28 -25.55 -20.33 -16.25
N ILE D 29 -24.59 -19.56 -16.76
CA ILE D 29 -24.05 -18.43 -16.02
C ILE D 29 -25.09 -17.33 -15.83
N ASP D 30 -26.07 -17.24 -16.73
CA ASP D 30 -27.01 -16.13 -16.73
C ASP D 30 -28.11 -16.25 -15.68
N SER D 31 -28.24 -17.40 -15.01
CA SER D 31 -29.32 -17.62 -14.05
C SER D 31 -28.93 -17.33 -12.61
N TYR D 32 -27.70 -16.90 -12.36
CA TYR D 32 -27.26 -16.55 -11.01
C TYR D 32 -26.48 -15.25 -11.06
N GLY D 33 -26.34 -14.63 -9.88
CA GLY D 33 -25.46 -13.50 -9.71
C GLY D 33 -24.11 -13.97 -9.20
N PHE D 34 -23.05 -13.34 -9.70
CA PHE D 34 -21.69 -13.76 -9.38
C PHE D 34 -20.86 -12.57 -8.90
N SER D 35 -19.95 -12.86 -7.98
CA SER D 35 -19.06 -11.87 -7.39
C SER D 35 -17.61 -12.20 -7.74
N TRP D 36 -16.75 -11.21 -7.57
CA TRP D 36 -15.31 -11.40 -7.62
C TRP D 36 -14.74 -10.97 -6.28
N VAL D 37 -13.89 -11.82 -5.70
CA VAL D 37 -13.32 -11.59 -4.38
C VAL D 37 -11.83 -11.92 -4.46
N ARG D 38 -11.03 -11.24 -3.64
CA ARG D 38 -9.59 -11.47 -3.61
C ARG D 38 -9.12 -11.58 -2.17
N GLN D 39 -7.92 -12.15 -2.02
CA GLN D 39 -7.30 -12.30 -0.69
C GLN D 39 -5.80 -12.14 -0.86
N ALA D 40 -5.28 -10.99 -0.40
CA ALA D 40 -3.85 -10.76 -0.42
C ALA D 40 -3.13 -11.75 0.50
N PRO D 41 -1.82 -11.95 0.31
CA PRO D 41 -1.09 -12.87 1.19
C PRO D 41 -1.16 -12.44 2.65
N GLY D 42 -1.76 -13.32 3.47
CA GLY D 42 -1.85 -13.08 4.90
C GLY D 42 -2.95 -12.15 5.34
N LYS D 43 -3.77 -11.67 4.43
CA LYS D 43 -4.85 -10.73 4.74
C LYS D 43 -6.20 -11.44 4.65
N GLY D 44 -7.26 -10.67 4.83
CA GLY D 44 -8.61 -11.20 4.79
C GLY D 44 -9.24 -11.10 3.42
N LEU D 45 -10.49 -11.57 3.35
CA LEU D 45 -11.24 -11.56 2.11
C LEU D 45 -11.79 -10.16 1.83
N GLU D 46 -11.78 -9.77 0.55
CA GLU D 46 -12.16 -8.42 0.14
C GLU D 46 -13.00 -8.51 -1.12
N HIS D 47 -14.23 -8.01 -1.05
CA HIS D 47 -15.14 -8.06 -2.18
C HIS D 47 -14.74 -7.04 -3.24
N ILE D 48 -14.85 -7.42 -4.50
CA ILE D 48 -14.47 -6.57 -5.62
C ILE D 48 -15.70 -6.01 -6.34
N GLY D 49 -16.63 -6.88 -6.73
CA GLY D 49 -17.83 -6.43 -7.41
C GLY D 49 -18.75 -7.58 -7.70
N TYR D 50 -20.02 -7.23 -7.94
CA TYR D 50 -21.10 -8.20 -8.12
C TYR D 50 -21.83 -7.93 -9.43
N LEU D 51 -22.07 -8.98 -10.20
CA LEU D 51 -22.83 -8.91 -11.44
C LEU D 51 -24.15 -9.64 -11.22
N THR D 52 -25.25 -8.87 -11.15
CA THR D 52 -26.54 -9.44 -10.80
C THR D 52 -26.99 -10.46 -11.83
N ALA D 53 -28.05 -11.21 -11.48
CA ALA D 53 -28.64 -12.15 -12.42
C ALA D 53 -29.17 -11.45 -13.65
N GLY D 54 -29.57 -10.19 -13.52
CA GLY D 54 -30.03 -9.38 -14.62
C GLY D 54 -28.94 -8.82 -15.50
N GLY D 55 -27.68 -9.05 -15.17
CA GLY D 55 -26.58 -8.59 -16.00
C GLY D 55 -26.05 -7.21 -15.71
N ARG D 56 -26.49 -6.58 -14.63
CA ARG D 56 -25.99 -5.27 -14.23
C ARG D 56 -24.82 -5.44 -13.27
N ALA D 57 -23.80 -4.62 -13.45
CA ALA D 57 -22.55 -4.71 -12.71
C ALA D 57 -22.48 -3.60 -11.68
N PHE D 58 -22.10 -3.95 -10.45
CA PHE D 58 -21.94 -3.00 -9.36
C PHE D 58 -20.63 -3.30 -8.65
N TYR D 59 -19.86 -2.25 -8.37
CA TYR D 59 -18.50 -2.40 -7.87
C TYR D 59 -18.39 -1.83 -6.46
N ALA D 60 -17.49 -2.42 -5.68
CA ALA D 60 -17.10 -1.83 -4.41
C ALA D 60 -16.42 -0.49 -4.66
N SER D 61 -16.42 0.36 -3.63
CA SER D 61 -15.93 1.73 -3.80
C SER D 61 -14.46 1.75 -4.19
N TRP D 62 -13.63 0.97 -3.49
CA TRP D 62 -12.19 0.99 -3.72
C TRP D 62 -11.81 0.49 -5.12
N ALA D 63 -12.68 -0.29 -5.76
CA ALA D 63 -12.34 -0.90 -7.04
C ALA D 63 -13.10 -0.31 -8.23
N LYS D 64 -13.97 0.67 -7.99
CA LYS D 64 -14.86 1.14 -9.05
C LYS D 64 -14.09 1.78 -10.19
N SER D 65 -13.01 2.49 -9.89
CA SER D 65 -12.29 3.26 -10.90
C SER D 65 -11.41 2.39 -11.79
N ARG D 66 -11.10 1.16 -11.38
CA ARG D 66 -10.18 0.32 -12.13
C ARG D 66 -10.75 -1.02 -12.56
N SER D 67 -11.94 -1.40 -12.10
CA SER D 67 -12.47 -2.73 -12.33
C SER D 67 -13.63 -2.70 -13.33
N THR D 68 -13.74 -3.79 -14.10
CA THR D 68 -14.82 -3.98 -15.05
C THR D 68 -15.22 -5.44 -15.03
N ILE D 69 -16.46 -5.71 -14.62
CA ILE D 69 -16.99 -7.07 -14.54
C ILE D 69 -18.03 -7.24 -15.64
N THR D 70 -17.78 -8.19 -16.54
CA THR D 70 -18.70 -8.52 -17.61
C THR D 70 -18.96 -10.02 -17.62
N ARG D 71 -19.76 -10.46 -18.57
CA ARG D 71 -20.04 -11.87 -18.75
C ARG D 71 -20.32 -12.13 -20.22
N ASN D 72 -19.93 -13.30 -20.69
CA ASN D 72 -20.25 -13.75 -22.05
C ASN D 72 -21.12 -14.99 -21.93
N THR D 73 -22.43 -14.78 -22.04
CA THR D 73 -23.38 -15.89 -22.02
C THR D 73 -23.07 -16.93 -23.10
N ASN D 74 -22.57 -16.48 -24.25
CA ASN D 74 -22.21 -17.40 -25.32
C ASN D 74 -21.06 -18.31 -24.90
N GLU D 75 -20.05 -17.75 -24.24
CA GLU D 75 -18.97 -18.56 -23.68
C GLU D 75 -19.38 -19.26 -22.39
N ASN D 76 -20.51 -18.88 -21.79
CA ASN D 76 -20.93 -19.36 -20.47
C ASN D 76 -19.88 -18.99 -19.42
N THR D 77 -19.37 -17.76 -19.50
CA THR D 77 -18.30 -17.30 -18.62
C THR D 77 -18.68 -15.98 -17.97
N VAL D 78 -17.96 -15.67 -16.89
CA VAL D 78 -17.96 -14.36 -16.27
C VAL D 78 -16.51 -13.90 -16.18
N THR D 79 -16.29 -12.61 -16.40
CA THR D 79 -14.93 -12.09 -16.57
C THR D 79 -14.70 -10.86 -15.72
N LEU D 80 -13.53 -10.79 -15.09
CA LEU D 80 -13.08 -9.62 -14.34
C LEU D 80 -11.89 -9.00 -15.04
N LYS D 81 -11.94 -7.69 -15.24
CA LYS D 81 -10.80 -6.92 -15.74
C LYS D 81 -10.46 -5.84 -14.72
N MET D 82 -9.17 -5.67 -14.47
CA MET D 82 -8.68 -4.65 -13.54
C MET D 82 -7.38 -4.09 -14.07
N ASN D 83 -7.31 -2.77 -14.21
CA ASN D 83 -6.15 -2.11 -14.78
C ASN D 83 -5.49 -1.22 -13.74
N SER D 84 -4.34 -0.64 -14.14
CA SER D 84 -3.53 0.21 -13.27
C SER D 84 -3.17 -0.52 -11.98
N LEU D 85 -2.54 -1.67 -12.13
CA LEU D 85 -2.28 -2.56 -11.00
C LEU D 85 -1.01 -2.14 -10.27
N ARG D 86 -1.05 -2.28 -8.95
CA ARG D 86 0.07 -1.99 -8.06
C ARG D 86 0.40 -3.22 -7.25
N ALA D 87 1.52 -3.16 -6.52
CA ALA D 87 1.97 -4.31 -5.75
C ALA D 87 0.95 -4.77 -4.73
N GLU D 88 0.09 -3.85 -4.27
CA GLU D 88 -0.96 -4.21 -3.31
C GLU D 88 -2.01 -5.11 -3.91
N ASP D 89 -2.13 -5.15 -5.24
CA ASP D 89 -3.14 -5.97 -5.90
C ASP D 89 -2.71 -7.42 -6.06
N THR D 90 -1.51 -7.78 -5.61
CA THR D 90 -1.08 -9.18 -5.59
C THR D 90 -1.94 -9.97 -4.62
N ALA D 91 -2.71 -10.93 -5.15
CA ALA D 91 -3.65 -11.67 -4.32
C ALA D 91 -4.13 -12.89 -5.11
N VAL D 92 -4.77 -13.81 -4.39
CA VAL D 92 -5.54 -14.87 -5.00
C VAL D 92 -6.95 -14.35 -5.25
N TYR D 93 -7.41 -14.47 -6.49
CA TYR D 93 -8.71 -13.95 -6.88
C TYR D 93 -9.69 -15.09 -7.07
N TYR D 94 -10.92 -14.91 -6.60
CA TYR D 94 -11.98 -15.89 -6.71
C TYR D 94 -13.19 -15.29 -7.38
N CYS D 95 -13.84 -16.07 -8.23
CA CYS D 95 -15.23 -15.81 -8.63
C CYS D 95 -16.12 -16.65 -7.75
N ALA D 96 -17.25 -16.09 -7.32
CA ALA D 96 -18.04 -16.78 -6.31
C ALA D 96 -19.47 -16.25 -6.28
N LYS D 97 -20.44 -17.16 -6.40
CA LYS D 97 -21.79 -16.90 -5.94
C LYS D 97 -21.81 -17.11 -4.43
N LEU D 98 -21.87 -16.01 -3.67
CA LEU D 98 -21.55 -16.08 -2.26
C LEU D 98 -22.62 -16.78 -1.43
N GLY D 99 -23.84 -16.94 -1.96
CA GLY D 99 -24.89 -17.62 -1.23
C GLY D 99 -25.21 -16.96 0.09
N SER D 100 -25.36 -15.63 0.10
CA SER D 100 -25.56 -14.91 1.35
C SER D 100 -26.92 -15.21 1.96
N GLY D 101 -27.91 -15.59 1.14
CA GLY D 101 -29.23 -15.91 1.65
C GLY D 101 -29.96 -16.92 0.80
N ASN D 102 -29.20 -17.79 0.13
CA ASN D 102 -29.75 -18.80 -0.76
C ASN D 102 -28.94 -20.08 -0.60
N PRO D 103 -29.57 -21.25 -0.82
CA PRO D 103 -28.85 -22.52 -0.66
C PRO D 103 -27.79 -22.76 -1.73
N VAL D 104 -27.75 -21.96 -2.78
CA VAL D 104 -26.80 -22.16 -3.87
C VAL D 104 -25.58 -21.28 -3.62
N ALA D 105 -24.40 -21.89 -3.57
CA ALA D 105 -23.15 -21.17 -3.39
C ALA D 105 -22.05 -21.92 -4.15
N ILE D 106 -21.35 -21.21 -5.03
CA ILE D 106 -20.32 -21.80 -5.87
C ILE D 106 -19.11 -20.88 -5.89
N TRP D 107 -17.92 -21.46 -5.73
CA TRP D 107 -16.67 -20.73 -5.78
C TRP D 107 -15.75 -21.33 -6.82
N GLY D 108 -15.00 -20.47 -7.51
CA GLY D 108 -13.88 -20.93 -8.31
C GLY D 108 -12.73 -21.37 -7.43
N GLN D 109 -11.80 -22.11 -8.03
CA GLN D 109 -10.69 -22.63 -7.24
C GLN D 109 -9.73 -21.53 -6.79
N GLY D 110 -9.73 -20.39 -7.45
CA GLY D 110 -8.82 -19.32 -7.09
C GLY D 110 -7.59 -19.31 -7.96
N THR D 111 -7.10 -18.10 -8.25
CA THR D 111 -5.95 -17.92 -9.13
C THR D 111 -5.06 -16.83 -8.56
N LEU D 112 -3.76 -17.11 -8.48
CA LEU D 112 -2.80 -16.13 -7.97
C LEU D 112 -2.43 -15.13 -9.06
N VAL D 113 -2.59 -13.85 -8.76
CA VAL D 113 -2.11 -12.78 -9.62
C VAL D 113 -1.00 -12.05 -8.87
N THR D 114 0.19 -12.05 -9.45
CA THR D 114 1.34 -11.36 -8.86
C THR D 114 1.64 -10.11 -9.68
N VAL D 115 1.72 -8.97 -9.01
CA VAL D 115 1.99 -7.69 -9.65
C VAL D 115 3.38 -7.25 -9.24
N SER D 116 4.33 -7.34 -10.15
CA SER D 116 5.73 -7.06 -9.86
C SER D 116 6.51 -6.97 -11.15
N SER D 117 7.61 -6.22 -11.10
CA SER D 117 8.52 -6.12 -12.24
C SER D 117 9.69 -7.08 -12.14
N ALA D 118 9.77 -7.86 -11.06
CA ALA D 118 10.76 -8.92 -10.99
C ALA D 118 10.48 -9.97 -12.07
N SER D 119 11.54 -10.62 -12.54
CA SER D 119 11.45 -11.57 -13.63
C SER D 119 11.35 -13.00 -13.11
N THR D 120 10.62 -13.83 -13.85
CA THR D 120 10.43 -15.22 -13.47
C THR D 120 11.78 -15.93 -13.39
N LYS D 121 11.98 -16.68 -12.32
CA LYS D 121 13.26 -17.31 -12.06
C LYS D 121 13.06 -18.58 -11.24
N GLY D 122 13.72 -19.66 -11.67
CA GLY D 122 13.69 -20.89 -10.92
C GLY D 122 14.50 -20.78 -9.65
N PRO D 123 14.26 -21.67 -8.70
CA PRO D 123 14.93 -21.55 -7.41
C PRO D 123 16.31 -22.18 -7.39
N SER D 124 17.15 -21.67 -6.50
CA SER D 124 18.37 -22.34 -6.10
C SER D 124 18.09 -23.15 -4.85
N VAL D 125 18.43 -24.44 -4.87
CA VAL D 125 18.13 -25.35 -3.79
C VAL D 125 19.43 -25.71 -3.10
N PHE D 126 19.58 -25.31 -1.85
CA PHE D 126 20.78 -25.61 -1.10
C PHE D 126 20.46 -26.58 0.03
N PRO D 127 21.41 -27.42 0.41
CA PRO D 127 21.14 -28.43 1.46
C PRO D 127 21.25 -27.84 2.86
N LEU D 128 20.30 -28.22 3.70
CA LEU D 128 20.38 -27.99 5.15
C LEU D 128 20.83 -29.31 5.75
N ALA D 129 22.15 -29.46 5.91
CA ALA D 129 22.70 -30.79 6.10
C ALA D 129 22.72 -31.18 7.57
N PRO D 130 22.41 -32.44 7.87
CA PRO D 130 22.62 -32.96 9.23
C PRO D 130 24.08 -33.29 9.43
N SER D 131 24.64 -32.83 10.56
CA SER D 131 26.04 -33.09 10.86
C SER D 131 26.24 -34.58 11.08
N SER D 132 27.26 -35.15 10.41
CA SER D 132 27.57 -36.55 10.59
C SER D 132 27.97 -36.85 12.04
N LYS D 133 28.50 -35.84 12.73
CA LYS D 133 28.68 -35.91 14.18
C LYS D 133 27.53 -35.17 14.85
N SER D 134 26.33 -35.75 14.74
CA SER D 134 25.13 -35.12 15.26
C SER D 134 25.23 -34.90 16.77
N THR D 135 24.86 -33.70 17.21
CA THR D 135 24.93 -33.32 18.61
C THR D 135 23.56 -33.31 19.28
N SER D 136 22.58 -33.97 18.68
CA SER D 136 21.24 -34.05 19.24
C SER D 136 21.02 -35.45 19.83
N GLY D 137 19.82 -35.66 20.36
CA GLY D 137 19.50 -36.92 21.02
C GLY D 137 18.79 -37.93 20.14
N GLY D 138 19.50 -38.46 19.14
CA GLY D 138 18.96 -39.52 18.32
C GLY D 138 18.12 -39.05 17.15
N THR D 139 17.53 -37.87 17.25
CA THR D 139 16.70 -37.29 16.19
C THR D 139 17.49 -36.18 15.51
N ALA D 140 17.76 -36.37 14.23
CA ALA D 140 18.48 -35.39 13.43
C ALA D 140 17.52 -34.60 12.55
N ALA D 141 17.95 -33.41 12.15
CA ALA D 141 17.17 -32.54 11.28
C ALA D 141 17.95 -32.29 10.00
N LEU D 142 17.23 -32.28 8.89
CA LEU D 142 17.80 -31.97 7.59
C LEU D 142 16.72 -31.31 6.75
N GLY D 143 17.13 -30.70 5.65
CA GLY D 143 16.15 -30.08 4.78
C GLY D 143 16.81 -29.41 3.58
N CYS D 144 16.00 -28.61 2.89
CA CYS D 144 16.43 -27.90 1.69
CA CYS D 144 16.44 -27.89 1.71
C CYS D 144 16.03 -26.43 1.80
N LEU D 145 16.96 -25.54 1.50
CA LEU D 145 16.67 -24.12 1.42
C LEU D 145 16.38 -23.79 -0.05
N VAL D 146 15.15 -23.40 -0.34
CA VAL D 146 14.67 -23.12 -1.69
C VAL D 146 14.66 -21.62 -1.86
N LYS D 147 15.69 -21.07 -2.50
CA LYS D 147 15.98 -19.64 -2.43
C LYS D 147 15.89 -18.99 -3.79
N ASP D 148 15.41 -17.74 -3.80
CA ASP D 148 15.49 -16.84 -4.95
C ASP D 148 14.72 -17.36 -6.16
N TYR D 149 13.41 -17.53 -5.98
CA TYR D 149 12.53 -17.88 -7.08
C TYR D 149 11.40 -16.86 -7.17
N PHE D 150 10.76 -16.83 -8.34
CA PHE D 150 9.68 -15.89 -8.62
C PHE D 150 8.93 -16.33 -9.88
N PRO D 151 7.60 -16.27 -9.88
CA PRO D 151 6.78 -15.94 -8.72
C PRO D 151 6.44 -17.17 -7.89
N GLU D 152 5.51 -17.05 -6.95
CA GLU D 152 4.95 -18.23 -6.31
C GLU D 152 4.14 -19.02 -7.33
N PRO D 153 3.88 -20.30 -7.06
CA PRO D 153 4.31 -21.13 -5.93
C PRO D 153 5.38 -22.16 -6.28
N VAL D 154 6.04 -22.69 -5.26
CA VAL D 154 6.79 -23.93 -5.37
C VAL D 154 6.06 -24.99 -4.55
N THR D 155 6.22 -26.24 -4.95
CA THR D 155 5.80 -27.38 -4.16
C THR D 155 7.03 -28.22 -3.87
N VAL D 156 7.10 -28.77 -2.67
CA VAL D 156 8.24 -29.55 -2.22
C VAL D 156 7.74 -30.92 -1.77
N SER D 157 8.52 -31.95 -2.09
CA SER D 157 8.26 -33.28 -1.55
C SER D 157 9.61 -33.93 -1.27
N TRP D 158 9.57 -35.01 -0.49
CA TRP D 158 10.78 -35.74 -0.13
C TRP D 158 10.69 -37.17 -0.62
N ASN D 159 11.77 -37.62 -1.26
CA ASN D 159 11.87 -38.95 -1.84
C ASN D 159 10.65 -39.26 -2.70
N SER D 160 10.31 -38.30 -3.56
CA SER D 160 9.20 -38.44 -4.51
C SER D 160 7.88 -38.73 -3.79
N GLY D 161 7.72 -38.14 -2.61
CA GLY D 161 6.52 -38.31 -1.82
C GLY D 161 6.50 -39.52 -0.92
N ALA D 162 7.56 -40.34 -0.93
CA ALA D 162 7.59 -41.50 -0.05
C ALA D 162 7.85 -41.13 1.40
N LEU D 163 8.41 -39.95 1.65
CA LEU D 163 8.73 -39.47 2.99
C LEU D 163 7.83 -38.29 3.32
N THR D 164 6.96 -38.46 4.32
CA THR D 164 6.00 -37.43 4.69
C THR D 164 5.98 -37.19 6.19
N SER D 165 6.30 -38.21 6.97
CA SER D 165 6.25 -38.10 8.42
C SER D 165 7.37 -37.19 8.92
N GLY D 166 6.99 -36.15 9.64
CA GLY D 166 7.97 -35.23 10.20
C GLY D 166 8.42 -34.14 9.27
N VAL D 167 7.75 -33.95 8.14
CA VAL D 167 8.13 -32.94 7.16
C VAL D 167 7.41 -31.63 7.47
N HIS D 168 8.17 -30.54 7.50
CA HIS D 168 7.62 -29.20 7.67
C HIS D 168 8.08 -28.34 6.50
N THR D 169 7.15 -27.93 5.65
CA THR D 169 7.43 -27.04 4.53
C THR D 169 6.87 -25.66 4.89
N PHE D 170 7.76 -24.75 5.26
CA PHE D 170 7.34 -23.46 5.79
C PHE D 170 6.72 -22.59 4.71
N PRO D 171 5.82 -21.68 5.09
CA PRO D 171 5.34 -20.68 4.13
C PRO D 171 6.48 -19.85 3.57
N ALA D 172 6.38 -19.52 2.29
CA ALA D 172 7.40 -18.71 1.65
C ALA D 172 7.41 -17.30 2.22
N VAL D 173 8.60 -16.70 2.28
CA VAL D 173 8.76 -15.32 2.69
C VAL D 173 9.23 -14.51 1.48
N LEU D 174 8.66 -13.32 1.33
CA LEU D 174 9.10 -12.41 0.27
C LEU D 174 10.33 -11.67 0.78
N GLN D 175 11.49 -11.94 0.19
CA GLN D 175 12.71 -11.28 0.61
C GLN D 175 12.71 -9.83 0.14
N SER D 176 13.67 -9.07 0.68
CA SER D 176 13.79 -7.66 0.31
C SER D 176 14.16 -7.49 -1.15
N SER D 177 14.80 -8.50 -1.75
CA SER D 177 15.17 -8.43 -3.15
C SER D 177 13.97 -8.52 -4.09
N GLY D 178 12.79 -8.87 -3.57
CA GLY D 178 11.64 -9.11 -4.40
C GLY D 178 11.42 -10.55 -4.77
N LEU D 179 12.38 -11.41 -4.47
CA LEU D 179 12.27 -12.84 -4.74
C LEU D 179 11.79 -13.56 -3.48
N TYR D 180 11.23 -14.75 -3.70
CA TYR D 180 10.68 -15.55 -2.61
C TYR D 180 11.71 -16.58 -2.12
N SER D 181 11.44 -17.13 -0.94
CA SER D 181 12.34 -18.10 -0.32
C SER D 181 11.56 -18.89 0.73
N LEU D 182 11.86 -20.18 0.83
CA LEU D 182 11.28 -21.00 1.88
C LEU D 182 12.26 -22.11 2.22
N SER D 183 11.97 -22.81 3.31
CA SER D 183 12.69 -24.01 3.71
C SER D 183 11.69 -25.14 3.91
N SER D 184 12.16 -26.37 3.65
CA SER D 184 11.42 -27.58 3.97
C SER D 184 12.36 -28.48 4.75
N VAL D 185 11.93 -28.87 5.96
CA VAL D 185 12.77 -29.63 6.87
C VAL D 185 12.05 -30.91 7.26
N VAL D 186 12.85 -31.90 7.67
CA VAL D 186 12.32 -33.19 8.14
C VAL D 186 13.22 -33.68 9.26
N THR D 187 12.62 -34.28 10.28
CA THR D 187 13.34 -34.90 11.38
C THR D 187 13.38 -36.41 11.16
N VAL D 188 14.57 -36.98 11.15
CA VAL D 188 14.75 -38.40 10.92
C VAL D 188 15.59 -38.97 12.07
N PRO D 189 15.54 -40.29 12.26
CA PRO D 189 16.48 -40.92 13.21
C PRO D 189 17.92 -40.72 12.75
N SER D 190 18.80 -40.47 13.71
CA SER D 190 20.20 -40.21 13.38
C SER D 190 20.89 -41.44 12.81
N SER D 191 20.47 -42.64 13.23
CA SER D 191 21.09 -43.86 12.74
C SER D 191 20.87 -44.08 11.26
N SER D 192 19.87 -43.43 10.67
CA SER D 192 19.56 -43.62 9.26
C SER D 192 20.33 -42.67 8.34
N LEU D 193 21.12 -41.74 8.89
CA LEU D 193 21.86 -40.82 8.05
C LEU D 193 22.89 -41.54 7.20
N GLY D 194 23.38 -42.69 7.65
CA GLY D 194 24.32 -43.46 6.87
C GLY D 194 23.67 -44.37 5.84
N THR D 195 22.47 -44.86 6.13
CA THR D 195 21.84 -45.84 5.25
C THR D 195 20.83 -45.22 4.29
N GLN D 196 20.01 -44.29 4.77
CA GLN D 196 18.88 -43.80 4.00
C GLN D 196 19.25 -42.58 3.18
N THR D 197 18.79 -42.54 1.93
CA THR D 197 18.98 -41.40 1.05
C THR D 197 17.81 -40.45 1.19
N TYR D 198 18.11 -39.15 1.24
CA TYR D 198 17.09 -38.11 1.36
C TYR D 198 17.24 -37.12 0.21
N ILE D 199 16.17 -36.95 -0.55
CA ILE D 199 16.15 -36.09 -1.72
C ILE D 199 14.90 -35.22 -1.66
N CYS D 200 15.07 -33.91 -1.81
CA CYS D 200 13.95 -32.99 -1.92
C CYS D 200 13.65 -32.73 -3.38
N ASN D 201 12.37 -32.80 -3.73
CA ASN D 201 11.90 -32.56 -5.08
C ASN D 201 11.16 -31.23 -5.09
N VAL D 202 11.71 -30.24 -5.78
CA VAL D 202 11.19 -28.89 -5.80
C VAL D 202 10.67 -28.58 -7.20
N ASN D 203 9.37 -28.33 -7.30
CA ASN D 203 8.73 -28.04 -8.57
C ASN D 203 8.32 -26.57 -8.59
N HIS D 204 8.73 -25.87 -9.64
CA HIS D 204 8.39 -24.46 -9.86
C HIS D 204 7.79 -24.35 -11.26
N LYS D 205 6.48 -24.52 -11.34
CA LYS D 205 5.80 -24.48 -12.64
C LYS D 205 5.87 -23.12 -13.34
N PRO D 206 5.80 -21.97 -12.65
CA PRO D 206 5.92 -20.69 -13.37
C PRO D 206 7.16 -20.58 -14.25
N SER D 207 8.26 -21.24 -13.88
CA SER D 207 9.46 -21.25 -14.71
C SER D 207 9.68 -22.61 -15.37
N ASN D 208 8.72 -23.53 -15.23
CA ASN D 208 8.80 -24.86 -15.82
C ASN D 208 10.09 -25.58 -15.39
N THR D 209 10.47 -25.39 -14.13
CA THR D 209 11.71 -25.93 -13.60
C THR D 209 11.41 -26.91 -12.47
N LYS D 210 12.17 -28.02 -12.43
CA LYS D 210 12.15 -28.94 -11.31
C LYS D 210 13.58 -29.21 -10.87
N VAL D 211 13.79 -29.23 -9.55
CA VAL D 211 15.12 -29.46 -8.99
C VAL D 211 15.05 -30.59 -7.97
N ASP D 212 15.91 -31.59 -8.14
CA ASP D 212 16.10 -32.67 -7.17
C ASP D 212 17.46 -32.46 -6.52
N LYS D 213 17.48 -32.36 -5.18
CA LYS D 213 18.70 -32.17 -4.43
C LYS D 213 18.85 -33.31 -3.43
N LYS D 214 20.00 -33.99 -3.49
CA LYS D 214 20.34 -35.00 -2.49
C LYS D 214 21.03 -34.32 -1.31
N VAL D 215 20.44 -34.45 -0.14
CA VAL D 215 20.97 -33.85 1.08
C VAL D 215 21.79 -34.92 1.81
N GLU D 216 23.09 -34.68 1.92
CA GLU D 216 24.04 -35.63 2.48
C GLU D 216 24.66 -35.09 3.77
N PRO D 217 25.10 -35.96 4.66
CA PRO D 217 25.71 -35.50 5.92
C PRO D 217 26.97 -34.69 5.68
N LYS D 218 27.38 -33.95 6.71
CA LYS D 218 28.51 -33.03 6.65
C LYS D 218 28.39 -32.08 5.47
N ALA E 3 30.43 -2.06 4.10
CA ALA E 3 29.06 -2.34 4.52
C ALA E 3 28.06 -1.70 3.58
N GLY E 4 26.78 -1.81 3.92
CA GLY E 4 25.72 -1.25 3.11
C GLY E 4 25.71 0.27 3.08
N NEP E 5 26.17 0.88 4.17
CA NEP E 5 26.22 2.31 4.26
C NEP E 5 27.52 2.74 4.93
O NEP E 5 28.22 2.00 5.62
CB NEP E 5 25.08 2.94 5.08
CG NEP E 5 23.73 2.58 4.62
ND1 NEP E 5 22.96 1.52 5.16
CD2 NEP E 5 22.99 3.21 3.60
CE1 NEP E 5 21.80 1.52 4.49
NE2 NEP E 5 21.75 2.53 3.51
P NEP E 5 20.63 2.94 2.47
O1P NEP E 5 20.91 4.41 1.88
O2P NEP E 5 20.96 2.20 1.08
O3P NEP E 5 19.26 2.89 2.95
N ALA E 6 27.85 4.00 4.69
CA ALA E 6 29.04 4.62 5.27
C ALA E 6 28.81 4.97 6.74
N GLY E 7 29.88 5.30 7.45
CA GLY E 7 29.79 5.72 8.82
C GLY E 7 29.62 4.61 9.85
N ALA E 8 29.53 3.36 9.40
CA ALA E 8 29.35 2.24 10.32
C ALA E 8 30.57 1.99 11.21
N GLY E 9 31.70 2.64 10.93
CA GLY E 9 32.90 2.45 11.72
C GLY E 9 34.13 2.17 10.87
N ALA F 3 -35.55 -11.16 -6.69
CA ALA F 3 -35.92 -10.84 -5.32
C ALA F 3 -34.94 -11.46 -4.33
N GLY F 4 -34.30 -12.55 -4.74
CA GLY F 4 -33.33 -13.22 -3.90
C GLY F 4 -32.07 -12.41 -3.69
N NEP F 5 -31.77 -11.54 -4.66
CA NEP F 5 -30.61 -10.68 -4.57
C NEP F 5 -30.89 -9.35 -5.25
O NEP F 5 -31.48 -9.24 -6.34
CB NEP F 5 -29.33 -11.21 -5.24
CG NEP F 5 -28.92 -12.57 -4.85
ND1 NEP F 5 -29.53 -13.75 -5.34
CD2 NEP F 5 -27.89 -12.91 -3.98
CE1 NEP F 5 -28.87 -14.76 -4.76
NE2 NEP F 5 -27.84 -14.32 -3.91
P NEP F 5 -26.79 -15.09 -3.01
O1P NEP F 5 -25.95 -14.05 -2.11
O2P NEP F 5 -27.57 -15.73 -1.76
O3P NEP F 5 -25.86 -15.95 -3.72
N ALA F 6 -30.44 -8.29 -4.58
CA ALA F 6 -30.47 -6.94 -5.12
C ALA F 6 -29.64 -6.02 -4.22
#